data_2MJ3
#
_entry.id   2MJ3
#
_entity_poly.entity_id   1
_entity_poly.type   'polypeptide(L)'
_entity_poly.pdbx_seq_one_letter_code
;MPLITFISPDGSRKTYEAYDGETLLSLAHRNNVDLEGACEGSLACSTCHVIIDPSWYDIVEQHNEISDEENDMLDLAFGL
TDTSRLGCQIILTKELDGLCVILPTETRNISFVKNS
;
_entity_poly.pdbx_strand_id   A
#
# COMPACT_ATOMS: atom_id res chain seq x y z
N MET A 1 -4.32 14.15 0.02
CA MET A 1 -5.10 12.95 -0.24
C MET A 1 -5.17 12.66 -1.73
N PRO A 2 -4.04 12.25 -2.31
CA PRO A 2 -3.94 11.92 -3.74
C PRO A 2 -4.71 10.66 -4.11
N LEU A 3 -4.51 10.18 -5.33
CA LEU A 3 -5.18 8.98 -5.81
C LEU A 3 -4.17 7.93 -6.24
N ILE A 4 -4.48 6.67 -5.96
CA ILE A 4 -3.60 5.57 -6.31
C ILE A 4 -4.32 4.54 -7.18
N THR A 5 -3.68 4.12 -8.27
CA THR A 5 -4.27 3.15 -9.17
C THR A 5 -3.86 1.73 -8.78
N PHE A 6 -4.84 0.93 -8.36
CA PHE A 6 -4.58 -0.44 -7.96
C PHE A 6 -4.89 -1.40 -9.11
N ILE A 7 -3.86 -2.10 -9.58
CA ILE A 7 -4.02 -3.05 -10.68
C ILE A 7 -4.34 -4.44 -10.15
N SER A 8 -5.22 -5.15 -10.84
CA SER A 8 -5.61 -6.49 -10.45
C SER A 8 -4.87 -7.54 -11.27
N PRO A 9 -4.82 -8.78 -10.76
CA PRO A 9 -4.15 -9.89 -11.43
C PRO A 9 -4.88 -10.34 -12.69
N ASP A 10 -6.15 -9.98 -12.78
CA ASP A 10 -6.98 -10.35 -13.94
C ASP A 10 -6.80 -9.33 -15.07
N GLY A 11 -6.13 -8.23 -14.76
CA GLY A 11 -5.89 -7.20 -15.76
C GLY A 11 -6.71 -5.95 -15.50
N SER A 12 -7.67 -6.04 -14.59
CA SER A 12 -8.52 -4.92 -14.25
C SER A 12 -7.72 -3.83 -13.54
N ARG A 13 -8.42 -2.81 -13.05
CA ARG A 13 -7.77 -1.71 -12.35
C ARG A 13 -8.80 -0.87 -11.58
N LYS A 14 -8.56 -0.69 -10.29
CA LYS A 14 -9.46 0.09 -9.44
C LYS A 14 -8.90 1.48 -9.19
N THR A 15 -9.78 2.42 -8.85
CA THR A 15 -9.37 3.79 -8.58
C THR A 15 -10.02 4.31 -7.30
N TYR A 16 -9.20 4.57 -6.29
CA TYR A 16 -9.70 5.07 -5.01
C TYR A 16 -8.66 5.98 -4.35
N GLU A 17 -9.12 7.15 -3.90
CA GLU A 17 -8.24 8.11 -3.24
C GLU A 17 -7.62 7.50 -1.99
N ALA A 18 -6.29 7.49 -1.94
CA ALA A 18 -5.57 6.96 -0.80
C ALA A 18 -5.08 8.07 0.13
N TYR A 19 -4.62 7.68 1.32
CA TYR A 19 -4.13 8.65 2.29
C TYR A 19 -2.65 8.42 2.59
N ASP A 20 -2.10 9.23 3.49
CA ASP A 20 -0.70 9.11 3.87
C ASP A 20 -0.51 8.10 4.99
N GLY A 21 0.17 7.00 4.69
CA GLY A 21 0.40 5.97 5.68
C GLY A 21 -0.88 5.28 6.10
N GLU A 22 -1.96 5.52 5.36
CA GLU A 22 -3.24 4.91 5.66
C GLU A 22 -3.46 3.64 4.83
N THR A 23 -3.91 2.59 5.49
CA THR A 23 -4.16 1.31 4.82
C THR A 23 -5.46 1.35 4.03
N LEU A 24 -5.74 0.27 3.30
CA LEU A 24 -6.95 0.18 2.50
C LEU A 24 -8.19 0.27 3.39
N LEU A 25 -8.02 0.02 4.68
CA LEU A 25 -9.12 0.07 5.63
C LEU A 25 -9.88 1.38 5.51
N SER A 26 -9.15 2.50 5.52
CA SER A 26 -9.76 3.81 5.42
C SER A 26 -10.65 3.90 4.18
N LEU A 27 -10.31 3.13 3.16
CA LEU A 27 -11.08 3.12 1.92
C LEU A 27 -12.33 2.25 2.06
N ALA A 28 -12.16 1.07 2.64
CA ALA A 28 -13.28 0.15 2.84
C ALA A 28 -14.41 0.82 3.61
N HIS A 29 -14.06 1.77 4.46
CA HIS A 29 -15.05 2.49 5.25
C HIS A 29 -15.78 3.52 4.40
N ARG A 30 -15.01 4.31 3.65
CA ARG A 30 -15.58 5.34 2.79
C ARG A 30 -16.42 4.71 1.67
N ASN A 31 -16.01 3.53 1.22
CA ASN A 31 -16.73 2.84 0.16
C ASN A 31 -17.84 1.97 0.73
N ASN A 32 -18.06 2.08 2.04
CA ASN A 32 -19.10 1.32 2.71
C ASN A 32 -19.14 -0.11 2.20
N VAL A 33 -17.96 -0.69 1.95
CA VAL A 33 -17.85 -2.06 1.47
C VAL A 33 -17.62 -3.04 2.61
N ASP A 34 -18.07 -4.27 2.42
CA ASP A 34 -17.90 -5.31 3.44
C ASP A 34 -16.43 -5.51 3.77
N LEU A 35 -15.99 -4.93 4.88
CA LEU A 35 -14.59 -5.05 5.31
C LEU A 35 -14.47 -6.00 6.50
N GLU A 36 -13.24 -6.25 6.92
CA GLU A 36 -12.98 -7.14 8.05
C GLU A 36 -11.75 -6.69 8.82
N GLY A 37 -11.95 -6.31 10.08
CA GLY A 37 -10.84 -5.87 10.90
C GLY A 37 -11.27 -4.89 11.98
N ALA A 38 -11.96 -3.82 11.56
CA ALA A 38 -12.44 -2.81 12.49
C ALA A 38 -11.27 -2.10 13.17
N CYS A 39 -10.32 -1.64 12.37
CA CYS A 39 -9.15 -0.95 12.89
C CYS A 39 -9.06 0.46 12.33
N GLU A 40 -9.38 1.45 13.16
CA GLU A 40 -9.33 2.85 12.74
C GLU A 40 -7.96 3.21 12.19
N GLY A 41 -6.94 2.50 12.66
CA GLY A 41 -5.58 2.76 12.21
C GLY A 41 -5.00 4.00 12.83
N SER A 42 -4.78 5.03 12.01
CA SER A 42 -4.22 6.29 12.49
C SER A 42 -4.81 7.47 11.72
N LEU A 43 -4.69 8.65 12.30
CA LEU A 43 -5.20 9.87 11.68
C LEU A 43 -4.08 10.82 11.32
N ALA A 44 -2.97 10.73 12.05
CA ALA A 44 -1.82 11.58 11.81
C ALA A 44 -0.57 10.75 11.53
N CYS A 45 -0.27 10.55 10.25
CA CYS A 45 0.89 9.78 9.85
C CYS A 45 1.88 10.64 9.06
N SER A 46 3.09 10.77 9.58
CA SER A 46 4.12 11.57 8.94
C SER A 46 5.45 10.82 8.91
N THR A 47 6.28 11.13 7.91
CA THR A 47 7.58 10.48 7.77
C THR A 47 7.45 8.97 7.84
N CYS A 48 6.37 8.44 7.29
CA CYS A 48 6.13 7.00 7.30
C CYS A 48 7.00 6.29 6.26
N HIS A 49 7.00 4.96 6.30
CA HIS A 49 7.79 4.17 5.36
C HIS A 49 7.28 4.35 3.94
N VAL A 50 7.78 3.53 3.02
CA VAL A 50 7.38 3.59 1.63
C VAL A 50 6.81 2.26 1.15
N ILE A 51 5.85 2.33 0.23
CA ILE A 51 5.22 1.13 -0.30
C ILE A 51 4.95 1.27 -1.79
N ILE A 52 5.66 0.48 -2.60
CA ILE A 52 5.50 0.53 -4.04
C ILE A 52 5.28 -0.88 -4.61
N ASP A 53 4.75 -0.95 -5.83
CA ASP A 53 4.50 -2.22 -6.48
C ASP A 53 5.75 -3.11 -6.43
N PRO A 54 5.54 -4.42 -6.62
CA PRO A 54 6.64 -5.40 -6.60
C PRO A 54 7.55 -5.27 -7.82
N SER A 55 7.09 -4.51 -8.81
CA SER A 55 7.87 -4.31 -10.04
C SER A 55 8.95 -3.28 -9.83
N TRP A 56 8.72 -2.35 -8.90
CA TRP A 56 9.69 -1.30 -8.60
C TRP A 56 10.55 -1.69 -7.41
N TYR A 57 10.04 -2.57 -6.56
CA TYR A 57 10.78 -3.01 -5.38
C TYR A 57 12.17 -3.51 -5.77
N ASP A 58 12.24 -4.27 -6.86
CA ASP A 58 13.51 -4.80 -7.32
C ASP A 58 14.45 -3.67 -7.76
N ILE A 59 13.86 -2.58 -8.23
CA ILE A 59 14.64 -1.43 -8.67
C ILE A 59 15.19 -0.63 -7.48
N VAL A 60 14.29 -0.29 -6.56
CA VAL A 60 14.68 0.46 -5.37
C VAL A 60 15.60 -0.35 -4.48
N GLU A 61 15.50 -1.67 -4.57
CA GLU A 61 16.32 -2.56 -3.77
C GLU A 61 17.74 -2.64 -4.33
N GLN A 62 17.86 -2.52 -5.65
CA GLN A 62 19.15 -2.59 -6.31
C GLN A 62 19.78 -1.20 -6.40
N HIS A 63 18.94 -0.18 -6.43
CA HIS A 63 19.42 1.20 -6.51
C HIS A 63 19.93 1.69 -5.16
N ASN A 64 19.42 1.08 -4.09
CA ASN A 64 19.83 1.45 -2.74
C ASN A 64 20.51 0.28 -2.03
N GLU A 65 21.70 0.54 -1.49
CA GLU A 65 22.45 -0.50 -0.78
C GLU A 65 22.02 -0.59 0.67
N ILE A 66 22.12 -1.78 1.24
CA ILE A 66 21.75 -1.99 2.65
C ILE A 66 22.97 -2.27 3.50
N SER A 67 23.07 -1.59 4.63
CA SER A 67 24.19 -1.76 5.55
C SER A 67 23.92 -2.91 6.53
N ASP A 68 24.84 -3.10 7.46
CA ASP A 68 24.69 -4.15 8.47
C ASP A 68 23.41 -3.98 9.26
N GLU A 69 23.04 -2.73 9.52
CA GLU A 69 21.82 -2.43 10.27
C GLU A 69 20.60 -2.49 9.36
N GLU A 70 20.75 -1.98 8.15
CA GLU A 70 19.66 -1.97 7.18
C GLU A 70 19.25 -3.39 6.81
N ASN A 71 20.20 -4.15 6.27
CA ASN A 71 19.94 -5.52 5.86
C ASN A 71 19.39 -6.34 7.02
N ASP A 72 19.73 -5.93 8.23
CA ASP A 72 19.27 -6.63 9.43
C ASP A 72 17.78 -6.39 9.66
N MET A 73 17.29 -5.24 9.19
CA MET A 73 15.88 -4.90 9.34
C MET A 73 14.99 -5.96 8.71
N LEU A 74 15.48 -6.56 7.63
CA LEU A 74 14.72 -7.58 6.92
C LEU A 74 14.54 -8.82 7.79
N ASP A 75 15.59 -9.18 8.53
CA ASP A 75 15.55 -10.34 9.41
C ASP A 75 14.42 -10.21 10.43
N LEU A 76 14.05 -8.96 10.74
CA LEU A 76 12.99 -8.71 11.72
C LEU A 76 11.64 -8.63 11.02
N ALA A 77 11.65 -8.24 9.75
CA ALA A 77 10.42 -8.15 8.98
C ALA A 77 9.69 -9.48 8.91
N PHE A 78 8.52 -9.54 9.54
CA PHE A 78 7.73 -10.77 9.56
C PHE A 78 6.27 -10.47 9.24
N GLY A 79 5.77 -11.09 8.17
CA GLY A 79 4.39 -10.88 7.76
C GLY A 79 4.26 -9.83 6.67
N LEU A 80 5.26 -8.96 6.56
CA LEU A 80 5.25 -7.91 5.56
C LEU A 80 5.39 -8.50 4.14
N THR A 81 4.97 -7.74 3.15
CA THR A 81 5.05 -8.18 1.76
C THR A 81 6.40 -7.84 1.15
N ASP A 82 6.68 -8.40 -0.02
CA ASP A 82 7.94 -8.16 -0.71
C ASP A 82 7.88 -6.84 -1.49
N THR A 83 6.73 -6.18 -1.44
CA THR A 83 6.55 -4.91 -2.13
C THR A 83 6.69 -3.73 -1.17
N SER A 84 6.51 -4.00 0.12
CA SER A 84 6.61 -2.96 1.14
C SER A 84 8.01 -2.93 1.75
N ARG A 85 8.64 -1.76 1.72
CA ARG A 85 9.98 -1.61 2.26
C ARG A 85 9.95 -0.80 3.56
N LEU A 86 10.71 -1.25 4.55
CA LEU A 86 10.77 -0.58 5.84
C LEU A 86 9.38 -0.35 6.40
N GLY A 87 8.45 -1.23 6.03
CA GLY A 87 7.08 -1.12 6.51
C GLY A 87 6.78 -2.09 7.63
N CYS A 88 5.49 -2.24 7.94
CA CYS A 88 5.06 -3.14 9.01
C CYS A 88 3.71 -3.76 8.68
N GLN A 89 2.75 -2.92 8.30
CA GLN A 89 1.42 -3.39 7.96
C GLN A 89 1.04 -2.95 6.55
N ILE A 90 2.03 -2.66 5.74
CA ILE A 90 1.81 -2.23 4.36
C ILE A 90 0.72 -1.16 4.29
N ILE A 91 1.13 0.10 4.43
CA ILE A 91 0.19 1.22 4.39
C ILE A 91 0.56 2.19 3.28
N LEU A 92 -0.35 2.36 2.32
CA LEU A 92 -0.12 3.27 1.20
C LEU A 92 0.28 4.65 1.70
N THR A 93 0.68 5.51 0.76
CA THR A 93 1.08 6.87 1.11
C THR A 93 0.98 7.80 -0.10
N LYS A 94 0.91 9.09 0.17
CA LYS A 94 0.80 10.09 -0.89
C LYS A 94 2.01 10.01 -1.83
N GLU A 95 3.08 9.39 -1.35
CA GLU A 95 4.30 9.25 -2.15
C GLU A 95 3.99 8.62 -3.50
N LEU A 96 2.89 7.85 -3.56
CA LEU A 96 2.50 7.19 -4.79
C LEU A 96 1.47 8.02 -5.55
N ASP A 97 1.49 9.33 -5.32
CA ASP A 97 0.57 10.25 -5.98
C ASP A 97 0.82 10.26 -7.49
N GLY A 98 -0.20 9.85 -8.25
CA GLY A 98 -0.09 9.81 -9.69
C GLY A 98 0.69 8.61 -10.19
N LEU A 99 0.98 7.69 -9.28
CA LEU A 99 1.72 6.48 -9.62
C LEU A 99 0.83 5.25 -9.53
N CYS A 100 1.15 4.25 -10.35
CA CYS A 100 0.36 3.01 -10.37
C CYS A 100 1.11 1.89 -9.62
N VAL A 101 0.41 1.25 -8.69
CA VAL A 101 1.00 0.17 -7.92
C VAL A 101 -0.05 -0.89 -7.55
N ILE A 102 0.42 -2.03 -7.07
CA ILE A 102 -0.48 -3.11 -6.67
C ILE A 102 -0.96 -2.92 -5.24
N LEU A 103 -2.23 -3.25 -5.01
CA LEU A 103 -2.83 -3.12 -3.68
C LEU A 103 -2.13 -4.05 -2.69
N PRO A 104 -2.18 -3.68 -1.40
CA PRO A 104 -1.57 -4.48 -0.33
C PRO A 104 -2.31 -5.79 -0.07
N THR A 105 -3.63 -5.71 0.01
CA THR A 105 -4.46 -6.89 0.24
C THR A 105 -4.54 -7.76 -1.01
N GLU A 106 -5.35 -8.81 -0.94
CA GLU A 106 -5.53 -9.72 -2.06
C GLU A 106 -6.93 -9.60 -2.65
N THR A 107 -7.52 -8.41 -2.56
CA THR A 107 -8.85 -8.17 -3.07
C THR A 107 -8.82 -7.78 -4.55
N ARG A 108 -9.99 -7.80 -5.17
CA ARG A 108 -10.09 -7.45 -6.59
C ARG A 108 -11.52 -7.06 -6.96
N ASN A 109 -11.66 -6.22 -7.97
CA ASN A 109 -12.97 -5.77 -8.41
C ASN A 109 -12.86 -4.94 -9.70
N ILE A 110 -13.84 -5.10 -10.58
CA ILE A 110 -13.85 -4.37 -11.83
C ILE A 110 -15.11 -3.54 -11.98
N SER A 111 -16.22 -4.05 -11.45
CA SER A 111 -17.50 -3.35 -11.52
C SER A 111 -17.36 -1.92 -11.01
N PHE A 112 -17.91 -0.97 -11.76
CA PHE A 112 -17.85 0.44 -11.39
C PHE A 112 -18.97 0.78 -10.42
N VAL A 113 -18.63 1.56 -9.39
CA VAL A 113 -19.60 1.98 -8.39
C VAL A 113 -19.33 3.39 -7.89
N LYS A 114 -20.38 4.10 -7.52
CA LYS A 114 -20.24 5.47 -7.02
C LYS A 114 -20.50 5.53 -5.52
N ASN A 115 -19.52 5.09 -4.73
CA ASN A 115 -19.64 5.10 -3.29
C ASN A 115 -20.00 6.49 -2.77
N SER A 116 -20.28 6.58 -1.48
CA SER A 116 -20.65 7.85 -0.87
C SER A 116 -19.43 8.74 -0.68
N MET A 1 -6.84 13.28 -2.35
CA MET A 1 -7.33 11.92 -2.48
C MET A 1 -7.28 11.47 -3.93
N PRO A 2 -6.07 11.23 -4.44
CA PRO A 2 -5.86 10.78 -5.82
C PRO A 2 -6.34 9.35 -6.05
N LEU A 3 -5.99 8.79 -7.19
CA LEU A 3 -6.38 7.43 -7.54
C LEU A 3 -5.16 6.56 -7.84
N ILE A 4 -5.20 5.31 -7.40
CA ILE A 4 -4.10 4.38 -7.61
C ILE A 4 -4.54 3.21 -8.48
N THR A 5 -3.81 2.97 -9.56
CA THR A 5 -4.12 1.87 -10.48
C THR A 5 -3.54 0.56 -9.98
N PHE A 6 -4.41 -0.35 -9.54
CA PHE A 6 -3.99 -1.64 -9.03
C PHE A 6 -4.02 -2.69 -10.15
N ILE A 7 -2.89 -3.37 -10.34
CA ILE A 7 -2.80 -4.40 -11.37
C ILE A 7 -2.92 -5.79 -10.76
N SER A 8 -3.64 -6.68 -11.45
CA SER A 8 -3.82 -8.04 -10.97
C SER A 8 -2.83 -8.99 -11.63
N PRO A 9 -2.63 -10.16 -11.01
CA PRO A 9 -1.71 -11.18 -11.51
C PRO A 9 -2.21 -11.84 -12.79
N ASP A 10 -3.53 -11.82 -12.98
CA ASP A 10 -4.14 -12.41 -14.17
C ASP A 10 -4.09 -11.44 -15.34
N GLY A 11 -3.78 -10.19 -15.05
CA GLY A 11 -3.71 -9.18 -16.09
C GLY A 11 -4.85 -8.18 -16.02
N SER A 12 -5.60 -8.23 -14.92
CA SER A 12 -6.72 -7.32 -14.73
C SER A 12 -6.26 -5.99 -14.16
N ARG A 13 -7.21 -5.17 -13.75
CA ARG A 13 -6.91 -3.85 -13.19
C ARG A 13 -8.08 -3.33 -12.36
N LYS A 14 -7.77 -2.77 -11.20
CA LYS A 14 -8.79 -2.22 -10.31
C LYS A 14 -8.61 -0.72 -10.13
N THR A 15 -9.73 -0.01 -10.04
CA THR A 15 -9.71 1.44 -9.87
C THR A 15 -10.36 1.85 -8.55
N TYR A 16 -9.56 2.37 -7.64
CA TYR A 16 -10.07 2.81 -6.34
C TYR A 16 -9.27 4.01 -5.83
N GLU A 17 -10.00 5.04 -5.39
CA GLU A 17 -9.38 6.26 -4.87
C GLU A 17 -8.71 5.99 -3.52
N ALA A 18 -7.42 6.24 -3.44
CA ALA A 18 -6.67 6.03 -2.20
C ALA A 18 -6.38 7.36 -1.52
N TYR A 19 -5.91 7.28 -0.28
CA TYR A 19 -5.59 8.48 0.50
C TYR A 19 -4.12 8.51 0.88
N ASP A 20 -3.73 9.52 1.63
CA ASP A 20 -2.35 9.67 2.07
C ASP A 20 -2.08 8.84 3.32
N GLY A 21 -1.29 7.77 3.17
CA GLY A 21 -0.97 6.92 4.30
C GLY A 21 -2.19 6.18 4.82
N GLU A 22 -3.28 6.22 4.06
CA GLU A 22 -4.51 5.56 4.46
C GLU A 22 -4.56 4.14 3.92
N THR A 23 -4.74 3.17 4.81
CA THR A 23 -4.80 1.76 4.42
C THR A 23 -6.15 1.43 3.78
N LEU A 24 -6.20 0.32 3.04
CA LEU A 24 -7.43 -0.10 2.40
C LEU A 24 -8.57 -0.24 3.39
N LEU A 25 -8.22 -0.58 4.64
CA LEU A 25 -9.22 -0.73 5.68
C LEU A 25 -10.06 0.52 5.83
N SER A 26 -9.39 1.67 5.93
CA SER A 26 -10.09 2.95 6.07
C SER A 26 -10.95 3.24 4.86
N LEU A 27 -10.55 2.68 3.71
CA LEU A 27 -11.29 2.88 2.47
C LEU A 27 -12.73 2.41 2.62
N ALA A 28 -12.93 1.29 3.30
CA ALA A 28 -14.26 0.74 3.52
C ALA A 28 -15.20 1.78 4.11
N HIS A 29 -14.63 2.71 4.86
CA HIS A 29 -15.41 3.78 5.50
C HIS A 29 -16.01 4.71 4.44
N ARG A 30 -15.13 5.31 3.64
CA ARG A 30 -15.57 6.23 2.59
C ARG A 30 -16.33 5.48 1.49
N ASN A 31 -16.04 4.20 1.35
CA ASN A 31 -16.70 3.37 0.34
C ASN A 31 -18.09 2.95 0.80
N ASN A 32 -18.30 2.98 2.11
CA ASN A 32 -19.59 2.60 2.69
C ASN A 32 -19.90 1.13 2.41
N VAL A 33 -18.86 0.31 2.39
CA VAL A 33 -19.01 -1.11 2.14
C VAL A 33 -18.89 -1.92 3.44
N ASP A 34 -19.58 -3.05 3.50
CA ASP A 34 -19.54 -3.91 4.67
C ASP A 34 -18.41 -4.92 4.58
N LEU A 35 -17.51 -4.89 5.55
CA LEU A 35 -16.37 -5.81 5.57
C LEU A 35 -16.40 -6.67 6.83
N GLU A 36 -15.46 -7.62 6.91
CA GLU A 36 -15.38 -8.51 8.06
C GLU A 36 -14.99 -7.74 9.32
N GLY A 37 -13.74 -7.30 9.37
CA GLY A 37 -13.26 -6.56 10.52
C GLY A 37 -12.06 -5.70 10.20
N ALA A 38 -11.74 -4.77 11.10
CA ALA A 38 -10.61 -3.87 10.90
C ALA A 38 -9.74 -3.80 12.16
N CYS A 39 -8.57 -4.42 12.10
CA CYS A 39 -7.65 -4.42 13.22
C CYS A 39 -6.60 -3.33 13.08
N GLU A 40 -6.52 -2.46 14.07
CA GLU A 40 -5.55 -1.36 14.05
C GLU A 40 -5.18 -0.93 15.47
N GLY A 41 -4.07 -0.21 15.60
CA GLY A 41 -3.63 0.25 16.90
C GLY A 41 -2.12 0.21 17.04
N SER A 42 -1.42 0.77 16.05
CA SER A 42 0.03 0.80 16.06
C SER A 42 0.56 2.04 15.35
N LEU A 43 1.60 2.65 15.93
CA LEU A 43 2.19 3.85 15.34
C LEU A 43 3.72 3.81 15.47
N ALA A 44 4.40 3.93 14.33
CA ALA A 44 5.86 3.92 14.32
C ALA A 44 6.40 4.92 13.30
N CYS A 45 7.69 5.23 13.41
CA CYS A 45 8.33 6.17 12.51
C CYS A 45 9.37 5.46 11.64
N SER A 46 9.78 6.13 10.56
CA SER A 46 10.76 5.57 9.65
C SER A 46 11.23 6.61 8.63
N THR A 47 12.21 6.24 7.82
CA THR A 47 12.75 7.15 6.81
C THR A 47 12.21 6.81 5.43
N CYS A 48 11.88 5.53 5.22
CA CYS A 48 11.37 5.08 3.94
C CYS A 48 9.93 4.58 4.08
N HIS A 49 9.08 5.39 4.70
CA HIS A 49 7.68 5.04 4.90
C HIS A 49 6.88 5.23 3.62
N VAL A 50 7.08 4.33 2.66
CA VAL A 50 6.37 4.40 1.39
C VAL A 50 6.00 3.02 0.89
N ILE A 51 5.07 2.97 -0.07
CA ILE A 51 4.62 1.70 -0.62
C ILE A 51 4.54 1.77 -2.15
N ILE A 52 5.44 1.06 -2.82
CA ILE A 52 5.46 1.04 -4.27
C ILE A 52 5.51 -0.38 -4.81
N ASP A 53 5.17 -0.55 -6.08
CA ASP A 53 5.17 -1.86 -6.71
C ASP A 53 6.51 -2.57 -6.48
N PRO A 54 6.52 -3.90 -6.66
CA PRO A 54 7.73 -4.70 -6.49
C PRO A 54 8.77 -4.46 -7.58
N SER A 55 8.33 -3.83 -8.66
CA SER A 55 9.22 -3.54 -9.79
C SER A 55 10.14 -2.36 -9.45
N TRP A 56 9.70 -1.52 -8.53
CA TRP A 56 10.47 -0.36 -8.12
C TRP A 56 11.11 -0.59 -6.75
N TYR A 57 10.55 -1.50 -5.98
CA TYR A 57 11.05 -1.82 -4.65
C TYR A 57 12.55 -2.14 -4.71
N ASP A 58 12.92 -3.07 -5.59
CA ASP A 58 14.31 -3.46 -5.74
C ASP A 58 15.17 -2.27 -6.16
N ILE A 59 14.56 -1.33 -6.86
CA ILE A 59 15.27 -0.15 -7.33
C ILE A 59 15.54 0.82 -6.18
N VAL A 60 14.49 1.14 -5.42
CA VAL A 60 14.61 2.05 -4.29
C VAL A 60 15.50 1.44 -3.19
N GLU A 61 15.58 0.12 -3.17
CA GLU A 61 16.38 -0.59 -2.18
C GLU A 61 17.86 -0.53 -2.54
N GLN A 62 18.15 -0.53 -3.84
CA GLN A 62 19.53 -0.48 -4.31
C GLN A 62 19.99 0.97 -4.47
N HIS A 63 19.06 1.86 -4.76
CA HIS A 63 19.38 3.27 -4.93
C HIS A 63 19.66 3.94 -3.59
N ASN A 64 19.09 3.38 -2.53
CA ASN A 64 19.29 3.93 -1.18
C ASN A 64 20.01 2.92 -0.29
N GLU A 65 21.14 3.35 0.26
CA GLU A 65 21.93 2.49 1.13
C GLU A 65 21.15 2.14 2.39
N ILE A 66 21.56 1.05 3.05
CA ILE A 66 20.90 0.59 4.26
C ILE A 66 21.90 0.46 5.41
N SER A 67 21.47 0.84 6.60
CA SER A 67 22.33 0.77 7.79
C SER A 67 22.43 -0.66 8.30
N ASP A 68 23.28 -0.87 9.30
CA ASP A 68 23.46 -2.20 9.89
C ASP A 68 22.19 -2.67 10.58
N GLU A 69 21.44 -1.71 11.13
CA GLU A 69 20.20 -2.03 11.83
C GLU A 69 19.05 -2.21 10.84
N GLU A 70 19.04 -1.39 9.80
CA GLU A 70 17.99 -1.45 8.79
C GLU A 70 18.11 -2.73 7.96
N ASN A 71 19.26 -2.92 7.32
CA ASN A 71 19.50 -4.10 6.50
C ASN A 71 19.31 -5.37 7.32
N ASP A 72 19.52 -5.27 8.62
CA ASP A 72 19.37 -6.41 9.51
C ASP A 72 17.90 -6.65 9.86
N MET A 73 17.21 -5.58 10.22
CA MET A 73 15.80 -5.68 10.58
C MET A 73 14.99 -6.29 9.43
N LEU A 74 15.50 -6.14 8.21
CA LEU A 74 14.83 -6.68 7.04
C LEU A 74 14.53 -8.17 7.21
N ASP A 75 15.46 -8.88 7.85
CA ASP A 75 15.29 -10.31 8.08
C ASP A 75 14.08 -10.59 8.96
N LEU A 76 13.73 -9.61 9.79
CA LEU A 76 12.58 -9.74 10.67
C LEU A 76 11.31 -9.21 10.02
N ALA A 77 11.39 -8.93 8.72
CA ALA A 77 10.25 -8.41 7.98
C ALA A 77 9.08 -9.38 8.04
N PHE A 78 8.12 -9.10 8.91
CA PHE A 78 6.95 -9.96 9.06
C PHE A 78 5.67 -9.13 9.06
N GLY A 79 4.70 -9.56 8.26
CA GLY A 79 3.44 -8.84 8.16
C GLY A 79 3.40 -7.87 7.00
N LEU A 80 4.57 -7.45 6.55
CA LEU A 80 4.67 -6.52 5.44
C LEU A 80 4.77 -7.25 4.10
N THR A 81 4.44 -6.57 3.02
CA THR A 81 4.49 -7.16 1.69
C THR A 81 5.90 -7.08 1.11
N ASP A 82 6.10 -7.74 -0.04
CA ASP A 82 7.40 -7.73 -0.69
C ASP A 82 7.56 -6.51 -1.58
N THR A 83 6.54 -5.66 -1.60
CA THR A 83 6.57 -4.44 -2.41
C THR A 83 6.78 -3.21 -1.55
N SER A 84 6.47 -3.33 -0.25
CA SER A 84 6.62 -2.22 0.68
C SER A 84 7.99 -2.26 1.35
N ARG A 85 8.31 -1.21 2.10
CA ARG A 85 9.58 -1.12 2.79
C ARG A 85 9.40 -1.32 4.30
N LEU A 86 10.34 -2.03 4.91
CA LEU A 86 10.29 -2.30 6.34
C LEU A 86 10.10 -1.00 7.13
N GLY A 87 9.13 -1.02 8.05
CA GLY A 87 8.86 0.16 8.84
C GLY A 87 7.51 0.77 8.55
N CYS A 88 6.51 -0.07 8.35
CA CYS A 88 5.16 0.39 8.05
C CYS A 88 4.17 -0.77 8.03
N GLN A 89 2.92 -0.47 7.70
CA GLN A 89 1.88 -1.49 7.65
C GLN A 89 1.22 -1.53 6.27
N ILE A 90 1.96 -1.11 5.25
CA ILE A 90 1.45 -1.09 3.89
C ILE A 90 0.26 -0.15 3.77
N ILE A 91 0.53 1.15 3.78
CA ILE A 91 -0.52 2.16 3.67
C ILE A 91 -0.29 3.04 2.45
N LEU A 92 -1.10 2.83 1.40
CA LEU A 92 -0.99 3.61 0.18
C LEU A 92 -0.90 5.11 0.50
N THR A 93 -0.43 5.88 -0.48
CA THR A 93 -0.30 7.32 -0.31
C THR A 93 -0.48 8.05 -1.64
N LYS A 94 -0.79 9.34 -1.56
CA LYS A 94 -0.98 10.16 -2.75
C LYS A 94 0.28 10.18 -3.61
N GLU A 95 1.41 9.81 -3.00
CA GLU A 95 2.68 9.79 -3.72
C GLU A 95 2.58 8.97 -5.00
N LEU A 96 1.65 8.02 -5.01
CA LEU A 96 1.45 7.17 -6.18
C LEU A 96 0.33 7.71 -7.06
N ASP A 97 0.07 9.00 -6.95
CA ASP A 97 -0.98 9.65 -7.73
C ASP A 97 -0.65 9.59 -9.23
N GLY A 98 -1.48 8.89 -9.99
CA GLY A 98 -1.26 8.76 -11.42
C GLY A 98 -0.26 7.68 -11.76
N LEU A 99 0.31 7.05 -10.73
CA LEU A 99 1.29 5.99 -10.92
C LEU A 99 0.64 4.61 -10.82
N CYS A 100 1.23 3.63 -11.48
CA CYS A 100 0.72 2.27 -11.46
C CYS A 100 1.53 1.38 -10.52
N VAL A 101 0.84 0.71 -9.61
CA VAL A 101 1.51 -0.17 -8.65
C VAL A 101 0.64 -1.38 -8.32
N ILE A 102 1.24 -2.37 -7.68
CA ILE A 102 0.51 -3.59 -7.30
C ILE A 102 -0.20 -3.40 -5.97
N LEU A 103 -1.41 -3.94 -5.88
CA LEU A 103 -2.21 -3.84 -4.66
C LEU A 103 -1.54 -4.60 -3.51
N PRO A 104 -1.83 -4.17 -2.28
CA PRO A 104 -1.27 -4.80 -1.08
C PRO A 104 -1.84 -6.20 -0.83
N THR A 105 -3.16 -6.31 -0.91
CA THR A 105 -3.83 -7.59 -0.69
C THR A 105 -5.13 -7.66 -1.48
N GLU A 106 -5.75 -8.84 -1.46
CA GLU A 106 -7.01 -9.04 -2.17
C GLU A 106 -8.03 -7.96 -1.81
N THR A 107 -8.89 -7.63 -2.76
CA THR A 107 -9.92 -6.61 -2.55
C THR A 107 -11.08 -6.78 -3.51
N ARG A 108 -12.10 -5.95 -3.36
CA ARG A 108 -13.28 -6.01 -4.21
C ARG A 108 -13.15 -5.06 -5.39
N ASN A 109 -13.90 -5.33 -6.45
CA ASN A 109 -13.86 -4.49 -7.65
C ASN A 109 -15.27 -4.26 -8.18
N ILE A 110 -15.85 -3.11 -7.84
CA ILE A 110 -17.19 -2.77 -8.29
C ILE A 110 -17.25 -1.33 -8.80
N SER A 111 -18.00 -1.13 -9.89
CA SER A 111 -18.13 0.20 -10.48
C SER A 111 -19.35 0.92 -9.93
N PHE A 112 -19.19 2.21 -9.65
CA PHE A 112 -20.28 3.01 -9.11
C PHE A 112 -19.87 4.48 -9.02
N VAL A 113 -20.84 5.34 -8.71
CA VAL A 113 -20.59 6.77 -8.58
C VAL A 113 -19.65 7.06 -7.42
N LYS A 114 -19.41 8.35 -7.18
CA LYS A 114 -18.52 8.77 -6.09
C LYS A 114 -19.12 8.40 -4.74
N ASN A 115 -18.40 8.73 -3.68
CA ASN A 115 -18.86 8.43 -2.32
C ASN A 115 -19.43 9.68 -1.65
N SER A 116 -19.79 9.55 -0.38
CA SER A 116 -20.35 10.67 0.38
C SER A 116 -19.74 10.76 1.76
N MET A 1 -5.25 15.71 -2.23
CA MET A 1 -5.92 14.41 -2.23
C MET A 1 -5.92 13.79 -3.63
N PRO A 2 -4.73 13.35 -4.08
CA PRO A 2 -4.58 12.73 -5.40
C PRO A 2 -5.24 11.36 -5.49
N LEU A 3 -4.94 10.63 -6.56
CA LEU A 3 -5.51 9.31 -6.76
C LEU A 3 -4.41 8.29 -7.08
N ILE A 4 -4.63 7.04 -6.67
CA ILE A 4 -3.67 5.98 -6.92
C ILE A 4 -4.28 4.87 -7.77
N THR A 5 -3.62 4.55 -8.88
CA THR A 5 -4.10 3.52 -9.78
C THR A 5 -3.45 2.17 -9.46
N PHE A 6 -4.24 1.26 -8.89
CA PHE A 6 -3.73 -0.06 -8.54
C PHE A 6 -4.07 -1.08 -9.63
N ILE A 7 -3.05 -1.81 -10.08
CA ILE A 7 -3.23 -2.81 -11.12
C ILE A 7 -3.43 -4.20 -10.51
N SER A 8 -4.28 -5.00 -11.15
CA SER A 8 -4.56 -6.35 -10.66
C SER A 8 -3.71 -7.38 -11.41
N PRO A 9 -3.57 -8.57 -10.81
CA PRO A 9 -2.78 -9.66 -11.40
C PRO A 9 -3.44 -10.25 -12.64
N ASP A 10 -4.73 -9.95 -12.82
CA ASP A 10 -5.47 -10.44 -13.97
C ASP A 10 -5.61 -9.37 -15.04
N GLY A 11 -4.79 -8.32 -14.93
CA GLY A 11 -4.83 -7.24 -15.89
C GLY A 11 -5.78 -6.14 -15.49
N SER A 12 -6.69 -6.45 -14.58
CA SER A 12 -7.67 -5.47 -14.11
C SER A 12 -6.97 -4.25 -13.50
N ARG A 13 -7.76 -3.26 -13.12
CA ARG A 13 -7.23 -2.04 -12.53
C ARG A 13 -8.28 -1.33 -11.69
N LYS A 14 -7.92 -0.95 -10.48
CA LYS A 14 -8.83 -0.25 -9.58
C LYS A 14 -8.49 1.23 -9.49
N THR A 15 -9.51 2.06 -9.31
CA THR A 15 -9.31 3.51 -9.21
C THR A 15 -10.11 4.08 -8.05
N TYR A 16 -9.40 4.56 -7.02
CA TYR A 16 -10.05 5.14 -5.86
C TYR A 16 -9.10 6.09 -5.13
N GLU A 17 -9.65 7.19 -4.62
CA GLU A 17 -8.85 8.18 -3.90
C GLU A 17 -8.18 7.55 -2.68
N ALA A 18 -6.86 7.57 -2.67
CA ALA A 18 -6.10 7.00 -1.55
C ALA A 18 -5.56 8.10 -0.64
N TYR A 19 -5.25 7.73 0.59
CA TYR A 19 -4.72 8.68 1.57
C TYR A 19 -3.23 8.49 1.76
N ASP A 20 -2.68 9.17 2.77
CA ASP A 20 -1.25 9.06 3.07
C ASP A 20 -1.00 8.09 4.21
N GLY A 21 -0.32 6.99 3.89
CA GLY A 21 -0.03 5.98 4.91
C GLY A 21 -1.29 5.30 5.42
N GLU A 22 -2.40 5.51 4.73
CA GLU A 22 -3.67 4.91 5.12
C GLU A 22 -3.90 3.58 4.39
N THR A 23 -4.04 2.51 5.14
CA THR A 23 -4.27 1.19 4.56
C THR A 23 -5.62 1.12 3.86
N LEU A 24 -5.74 0.17 2.93
CA LEU A 24 -6.98 0.00 2.18
C LEU A 24 -8.14 -0.31 3.12
N LEU A 25 -7.82 -0.87 4.29
CA LEU A 25 -8.83 -1.20 5.28
C LEU A 25 -9.71 0.00 5.61
N SER A 26 -9.08 1.10 5.97
CA SER A 26 -9.80 2.33 6.31
C SER A 26 -10.52 2.89 5.09
N LEU A 27 -9.96 2.64 3.91
CA LEU A 27 -10.54 3.12 2.66
C LEU A 27 -11.98 2.62 2.51
N ALA A 28 -12.29 1.52 3.18
CA ALA A 28 -13.63 0.94 3.13
C ALA A 28 -14.69 1.99 3.42
N HIS A 29 -14.33 2.99 4.22
CA HIS A 29 -15.25 4.06 4.58
C HIS A 29 -15.88 4.68 3.33
N ARG A 30 -15.10 4.73 2.26
CA ARG A 30 -15.57 5.31 1.00
C ARG A 30 -16.39 4.28 0.21
N ASN A 31 -16.00 3.01 0.31
CA ASN A 31 -16.69 1.94 -0.40
C ASN A 31 -17.95 1.53 0.35
N ASN A 32 -18.16 2.12 1.52
CA ASN A 32 -19.33 1.80 2.34
C ASN A 32 -19.45 0.30 2.56
N VAL A 33 -18.31 -0.38 2.58
CA VAL A 33 -18.29 -1.83 2.78
C VAL A 33 -18.12 -2.17 4.25
N ASP A 34 -18.61 -3.34 4.64
CA ASP A 34 -18.51 -3.79 6.03
C ASP A 34 -17.38 -4.80 6.19
N LEU A 35 -16.37 -4.42 6.95
CA LEU A 35 -15.22 -5.29 7.18
C LEU A 35 -14.93 -5.43 8.68
N GLU A 36 -15.24 -6.59 9.23
CA GLU A 36 -15.02 -6.86 10.64
C GLU A 36 -13.54 -6.77 10.99
N GLY A 37 -13.16 -5.69 11.68
CA GLY A 37 -11.77 -5.50 12.05
C GLY A 37 -11.61 -4.48 13.16
N ALA A 38 -10.55 -3.67 13.07
CA ALA A 38 -10.30 -2.64 14.07
C ALA A 38 -10.54 -1.24 13.51
N CYS A 39 -10.10 -1.03 12.27
CA CYS A 39 -10.27 0.26 11.62
C CYS A 39 -9.60 1.37 12.43
N GLU A 40 -8.38 1.11 12.89
CA GLU A 40 -7.64 2.08 13.67
C GLU A 40 -6.39 2.56 12.92
N GLY A 41 -6.57 2.93 11.66
CA GLY A 41 -5.46 3.39 10.85
C GLY A 41 -5.47 4.89 10.65
N SER A 42 -4.80 5.61 11.55
CA SER A 42 -4.74 7.07 11.46
C SER A 42 -3.41 7.59 11.99
N LEU A 43 -3.20 8.89 11.84
CA LEU A 43 -1.97 9.52 12.30
C LEU A 43 -0.75 8.89 11.62
N ALA A 44 -0.88 8.59 10.34
CA ALA A 44 0.21 7.98 9.59
C ALA A 44 0.71 8.91 8.49
N CYS A 45 1.13 10.11 8.88
CA CYS A 45 1.63 11.10 7.94
C CYS A 45 3.13 11.31 8.11
N SER A 46 3.80 11.68 7.02
CA SER A 46 5.24 11.91 7.06
C SER A 46 5.99 10.65 7.48
N THR A 47 5.44 9.50 7.10
CA THR A 47 6.05 8.22 7.44
C THR A 47 7.28 7.95 6.58
N CYS A 48 8.25 7.25 7.14
CA CYS A 48 9.48 6.92 6.41
C CYS A 48 9.25 5.78 5.44
N HIS A 49 8.76 4.66 5.95
CA HIS A 49 8.50 3.49 5.11
C HIS A 49 7.59 3.85 3.93
N VAL A 50 7.87 3.25 2.78
CA VAL A 50 7.08 3.52 1.58
C VAL A 50 6.62 2.22 0.93
N ILE A 51 5.68 2.32 0.00
CA ILE A 51 5.16 1.15 -0.70
C ILE A 51 5.01 1.43 -2.19
N ILE A 52 5.85 0.78 -2.99
CA ILE A 52 5.81 0.95 -4.44
C ILE A 52 5.78 -0.40 -5.15
N ASP A 53 5.36 -0.38 -6.41
CA ASP A 53 5.28 -1.60 -7.21
C ASP A 53 6.59 -2.38 -7.14
N PRO A 54 6.53 -3.68 -7.48
CA PRO A 54 7.71 -4.56 -7.47
C PRO A 54 8.71 -4.21 -8.56
N SER A 55 8.32 -3.31 -9.44
CA SER A 55 9.18 -2.90 -10.56
C SER A 55 10.21 -1.88 -10.07
N TRP A 56 9.81 -1.03 -9.13
CA TRP A 56 10.71 -0.01 -8.60
C TRP A 56 11.43 -0.52 -7.36
N TYR A 57 10.87 -1.55 -6.73
CA TYR A 57 11.47 -2.14 -5.54
C TYR A 57 12.94 -2.47 -5.76
N ASP A 58 13.22 -3.12 -6.89
CA ASP A 58 14.59 -3.49 -7.23
C ASP A 58 15.48 -2.27 -7.34
N ILE A 59 14.87 -1.13 -7.68
CA ILE A 59 15.62 0.11 -7.82
C ILE A 59 15.91 0.74 -6.47
N VAL A 60 14.87 0.90 -5.66
CA VAL A 60 15.01 1.48 -4.32
C VAL A 60 15.82 0.58 -3.41
N GLU A 61 15.80 -0.72 -3.71
CA GLU A 61 16.54 -1.70 -2.91
C GLU A 61 18.04 -1.64 -3.23
N GLN A 62 18.36 -1.33 -4.48
CA GLN A 62 19.75 -1.25 -4.91
C GLN A 62 20.30 0.16 -4.70
N HIS A 63 19.41 1.14 -4.74
CA HIS A 63 19.81 2.54 -4.55
C HIS A 63 20.07 2.83 -3.07
N ASN A 64 19.47 2.04 -2.20
CA ASN A 64 19.63 2.22 -0.76
C ASN A 64 20.30 1.00 -0.14
N GLU A 65 21.36 1.24 0.63
CA GLU A 65 22.10 0.16 1.28
C GLU A 65 21.49 -0.16 2.64
N ILE A 66 21.60 -1.42 3.05
CA ILE A 66 21.07 -1.86 4.33
C ILE A 66 22.19 -2.24 5.30
N SER A 67 22.13 -1.70 6.50
CA SER A 67 23.14 -1.97 7.52
C SER A 67 22.84 -3.28 8.24
N ASP A 68 23.59 -3.56 9.31
CA ASP A 68 23.41 -4.78 10.07
C ASP A 68 22.03 -4.81 10.72
N GLU A 69 21.53 -3.64 11.09
CA GLU A 69 20.21 -3.54 11.72
C GLU A 69 19.10 -3.56 10.67
N GLU A 70 19.33 -2.87 9.57
CA GLU A 70 18.36 -2.81 8.48
C GLU A 70 18.18 -4.18 7.82
N ASN A 71 19.28 -4.72 7.29
CA ASN A 71 19.25 -6.02 6.63
C ASN A 71 18.71 -7.09 7.58
N ASP A 72 18.87 -6.86 8.87
CA ASP A 72 18.41 -7.81 9.88
C ASP A 72 16.88 -7.77 10.01
N MET A 73 16.35 -6.61 10.39
CA MET A 73 14.92 -6.44 10.54
C MET A 73 14.19 -6.77 9.24
N LEU A 74 14.89 -6.62 8.12
CA LEU A 74 14.31 -6.89 6.82
C LEU A 74 14.21 -8.40 6.57
N ASP A 75 15.09 -9.15 7.21
CA ASP A 75 15.11 -10.60 7.07
C ASP A 75 13.93 -11.23 7.80
N LEU A 76 13.50 -10.58 8.87
CA LEU A 76 12.37 -11.08 9.67
C LEU A 76 11.06 -10.49 9.18
N ALA A 77 11.10 -9.84 8.02
CA ALA A 77 9.91 -9.23 7.44
C ALA A 77 8.84 -10.29 7.17
N PHE A 78 7.88 -10.39 8.08
CA PHE A 78 6.79 -11.35 7.94
C PHE A 78 5.48 -10.65 7.63
N GLY A 79 4.82 -11.08 6.55
CA GLY A 79 3.56 -10.48 6.15
C GLY A 79 3.71 -9.50 5.01
N LEU A 80 4.81 -8.74 5.03
CA LEU A 80 5.06 -7.76 3.98
C LEU A 80 5.43 -8.44 2.67
N THR A 81 5.15 -7.76 1.56
CA THR A 81 5.44 -8.31 0.24
C THR A 81 6.84 -7.90 -0.21
N ASP A 82 7.22 -8.35 -1.41
CA ASP A 82 8.53 -8.03 -1.96
C ASP A 82 8.51 -6.68 -2.68
N THR A 83 7.35 -6.04 -2.66
CA THR A 83 7.19 -4.74 -3.32
C THR A 83 7.30 -3.60 -2.31
N SER A 84 7.08 -3.91 -1.05
CA SER A 84 7.15 -2.91 0.02
C SER A 84 8.48 -3.00 0.76
N ARG A 85 8.72 -2.03 1.64
CA ARG A 85 9.95 -2.00 2.41
C ARG A 85 9.69 -2.37 3.87
N LEU A 86 10.75 -2.35 4.69
CA LEU A 86 10.63 -2.68 6.10
C LEU A 86 9.50 -1.90 6.75
N GLY A 87 8.46 -2.60 7.19
CA GLY A 87 7.33 -1.95 7.83
C GLY A 87 6.27 -2.93 8.26
N CYS A 88 6.11 -4.01 7.50
CA CYS A 88 5.11 -5.03 7.81
C CYS A 88 3.74 -4.40 8.01
N GLN A 89 3.50 -3.30 7.31
CA GLN A 89 2.22 -2.61 7.41
C GLN A 89 1.56 -2.46 6.04
N ILE A 90 2.37 -2.18 5.03
CA ILE A 90 1.88 -2.02 3.67
C ILE A 90 0.71 -1.04 3.63
N ILE A 91 1.01 0.24 3.79
CA ILE A 91 -0.01 1.28 3.77
C ILE A 91 0.24 2.28 2.65
N LEU A 92 -0.55 2.20 1.59
CA LEU A 92 -0.41 3.10 0.45
C LEU A 92 -0.32 4.55 0.92
N THR A 93 0.20 5.41 0.05
CA THR A 93 0.34 6.83 0.37
C THR A 93 0.11 7.70 -0.87
N LYS A 94 -0.23 8.96 -0.63
CA LYS A 94 -0.47 9.90 -1.73
C LYS A 94 0.82 10.18 -2.51
N GLU A 95 1.95 9.75 -1.94
CA GLU A 95 3.25 9.96 -2.58
C GLU A 95 3.25 9.37 -3.99
N LEU A 96 2.34 8.43 -4.23
CA LEU A 96 2.25 7.79 -5.54
C LEU A 96 1.22 8.48 -6.41
N ASP A 97 0.98 9.76 -6.14
CA ASP A 97 0.01 10.55 -6.90
C ASP A 97 0.37 10.54 -8.38
N GLY A 98 -0.52 9.98 -9.20
CA GLY A 98 -0.28 9.94 -10.63
C GLY A 98 0.60 8.77 -11.03
N LEU A 99 1.07 8.03 -10.03
CA LEU A 99 1.94 6.88 -10.29
C LEU A 99 1.15 5.58 -10.25
N CYS A 100 1.54 4.61 -11.08
CA CYS A 100 0.87 3.33 -11.13
C CYS A 100 1.67 2.26 -10.41
N VAL A 101 1.02 1.56 -9.48
CA VAL A 101 1.68 0.52 -8.71
C VAL A 101 0.74 -0.68 -8.49
N ILE A 102 1.31 -1.78 -8.03
CA ILE A 102 0.52 -2.99 -7.77
C ILE A 102 -0.10 -2.96 -6.38
N LEU A 103 -1.36 -3.36 -6.30
CA LEU A 103 -2.06 -3.37 -5.02
C LEU A 103 -1.42 -4.35 -4.05
N PRO A 104 -1.62 -4.11 -2.74
CA PRO A 104 -1.05 -4.95 -1.69
C PRO A 104 -1.71 -6.33 -1.63
N THR A 105 -3.03 -6.35 -1.83
CA THR A 105 -3.79 -7.60 -1.79
C THR A 105 -5.18 -7.41 -2.37
N GLU A 106 -5.65 -8.41 -3.11
CA GLU A 106 -6.99 -8.35 -3.71
C GLU A 106 -8.05 -8.11 -2.66
N THR A 107 -9.12 -7.43 -3.06
CA THR A 107 -10.22 -7.12 -2.14
C THR A 107 -11.42 -6.56 -2.89
N ARG A 108 -12.50 -7.34 -2.95
CA ARG A 108 -13.71 -6.92 -3.64
C ARG A 108 -14.82 -7.94 -3.45
N ASN A 109 -16.07 -7.49 -3.59
CA ASN A 109 -17.23 -8.37 -3.44
C ASN A 109 -18.17 -8.24 -4.63
N ILE A 110 -18.92 -7.14 -4.66
CA ILE A 110 -19.86 -6.89 -5.75
C ILE A 110 -20.51 -5.52 -5.62
N SER A 111 -20.86 -4.93 -6.76
CA SER A 111 -21.48 -3.61 -6.76
C SER A 111 -20.65 -2.61 -5.98
N PHE A 112 -19.36 -2.57 -6.26
CA PHE A 112 -18.46 -1.65 -5.58
C PHE A 112 -17.57 -0.91 -6.58
N VAL A 113 -18.19 -0.41 -7.64
CA VAL A 113 -17.46 0.33 -8.66
C VAL A 113 -17.62 1.83 -8.49
N LYS A 114 -18.66 2.23 -7.76
CA LYS A 114 -18.92 3.64 -7.51
C LYS A 114 -19.31 3.87 -6.06
N ASN A 115 -19.15 5.10 -5.59
CA ASN A 115 -19.49 5.46 -4.22
C ASN A 115 -19.86 6.94 -4.11
N SER A 116 -20.09 7.40 -2.89
CA SER A 116 -20.44 8.79 -2.65
C SER A 116 -19.38 9.49 -1.81
N MET A 1 -6.57 13.46 -1.30
CA MET A 1 -7.18 12.16 -1.59
C MET A 1 -7.11 11.84 -3.07
N PRO A 2 -5.88 11.61 -3.57
CA PRO A 2 -5.65 11.29 -4.98
C PRO A 2 -6.17 9.91 -5.37
N LEU A 3 -5.76 9.44 -6.54
CA LEU A 3 -6.20 8.13 -7.02
C LEU A 3 -4.99 7.26 -7.37
N ILE A 4 -5.09 5.97 -7.06
CA ILE A 4 -4.02 5.03 -7.35
C ILE A 4 -4.46 3.98 -8.37
N THR A 5 -3.68 3.83 -9.44
CA THR A 5 -3.99 2.87 -10.49
C THR A 5 -3.46 1.48 -10.13
N PHE A 6 -4.38 0.58 -9.82
CA PHE A 6 -4.00 -0.79 -9.46
C PHE A 6 -3.97 -1.69 -10.69
N ILE A 7 -2.89 -2.46 -10.83
CA ILE A 7 -2.74 -3.36 -11.96
C ILE A 7 -2.94 -4.81 -11.55
N SER A 8 -4.10 -5.37 -11.90
CA SER A 8 -4.42 -6.75 -11.56
C SER A 8 -3.53 -7.72 -12.33
N PRO A 9 -3.44 -8.96 -11.83
CA PRO A 9 -2.62 -10.01 -12.46
C PRO A 9 -3.21 -10.49 -13.78
N ASP A 10 -4.44 -10.06 -14.07
CA ASP A 10 -5.11 -10.44 -15.31
C ASP A 10 -4.90 -9.37 -16.38
N GLY A 11 -3.87 -8.56 -16.22
CA GLY A 11 -3.59 -7.51 -17.18
C GLY A 11 -4.62 -6.41 -17.15
N SER A 12 -5.48 -6.42 -16.14
CA SER A 12 -6.53 -5.42 -16.01
C SER A 12 -6.05 -4.24 -15.17
N ARG A 13 -6.93 -3.27 -14.97
CA ARG A 13 -6.60 -2.09 -14.19
C ARG A 13 -7.81 -1.62 -13.38
N LYS A 14 -7.62 -1.48 -12.07
CA LYS A 14 -8.68 -1.03 -11.19
C LYS A 14 -8.51 0.43 -10.80
N THR A 15 -9.62 1.14 -10.65
CA THR A 15 -9.60 2.55 -10.28
C THR A 15 -10.31 2.79 -8.95
N TYR A 16 -9.55 3.18 -7.94
CA TYR A 16 -10.11 3.45 -6.62
C TYR A 16 -9.31 4.52 -5.89
N GLU A 17 -10.01 5.51 -5.35
CA GLU A 17 -9.37 6.60 -4.63
C GLU A 17 -8.73 6.09 -3.33
N ALA A 18 -7.47 6.46 -3.12
CA ALA A 18 -6.75 6.05 -1.92
C ALA A 18 -6.46 7.23 -1.01
N TYR A 19 -6.12 6.95 0.24
CA TYR A 19 -5.83 8.00 1.21
C TYR A 19 -4.33 8.04 1.52
N ASP A 20 -3.96 8.87 2.48
CA ASP A 20 -2.57 9.01 2.88
C ASP A 20 -2.24 8.08 4.05
N GLY A 21 -1.44 7.05 3.78
CA GLY A 21 -1.06 6.12 4.82
C GLY A 21 -2.23 5.30 5.31
N GLU A 22 -3.36 5.38 4.59
CA GLU A 22 -4.56 4.64 4.96
C GLU A 22 -4.62 3.30 4.24
N THR A 23 -4.78 2.23 5.02
CA THR A 23 -4.85 0.89 4.46
C THR A 23 -6.19 0.65 3.77
N LEU A 24 -6.23 -0.35 2.90
CA LEU A 24 -7.45 -0.69 2.17
C LEU A 24 -8.59 -0.96 3.14
N LEU A 25 -8.26 -1.37 4.36
CA LEU A 25 -9.26 -1.67 5.38
C LEU A 25 -10.23 -0.49 5.53
N SER A 26 -9.71 0.72 5.45
CA SER A 26 -10.53 1.92 5.59
C SER A 26 -11.31 2.18 4.30
N LEU A 27 -10.75 1.76 3.18
CA LEU A 27 -11.40 1.95 1.89
C LEU A 27 -12.80 1.36 1.88
N ALA A 28 -12.98 0.26 2.62
CA ALA A 28 -14.27 -0.41 2.71
C ALA A 28 -15.36 0.57 3.14
N HIS A 29 -14.97 1.56 3.93
CA HIS A 29 -15.92 2.56 4.42
C HIS A 29 -16.42 3.43 3.28
N ARG A 30 -15.49 3.96 2.50
CA ARG A 30 -15.85 4.82 1.37
C ARG A 30 -16.78 4.10 0.40
N ASN A 31 -16.71 2.77 0.39
CA ASN A 31 -17.54 1.96 -0.48
C ASN A 31 -18.75 1.42 0.27
N ASN A 32 -18.73 1.56 1.59
CA ASN A 32 -19.82 1.07 2.43
C ASN A 32 -20.04 -0.43 2.23
N VAL A 33 -18.94 -1.16 2.04
CA VAL A 33 -19.01 -2.60 1.85
C VAL A 33 -18.88 -3.35 3.17
N ASP A 34 -19.53 -4.51 3.26
CA ASP A 34 -19.48 -5.32 4.47
C ASP A 34 -18.11 -5.95 4.65
N LEU A 35 -17.17 -5.17 5.19
CA LEU A 35 -15.81 -5.65 5.41
C LEU A 35 -15.24 -5.07 6.69
N GLU A 36 -14.66 -5.95 7.52
CA GLU A 36 -14.07 -5.51 8.79
C GLU A 36 -12.80 -6.30 9.08
N GLY A 37 -12.03 -5.81 10.05
CA GLY A 37 -10.78 -6.48 10.42
C GLY A 37 -9.62 -5.52 10.51
N ALA A 38 -9.87 -4.33 11.04
CA ALA A 38 -8.83 -3.32 11.18
C ALA A 38 -8.07 -3.51 12.48
N CYS A 39 -6.86 -4.06 12.38
CA CYS A 39 -6.02 -4.30 13.56
C CYS A 39 -5.43 -2.99 14.07
N GLU A 40 -4.43 -2.47 13.36
CA GLU A 40 -3.79 -1.22 13.74
C GLU A 40 -3.76 -0.24 12.58
N GLY A 41 -4.16 1.00 12.84
CA GLY A 41 -4.18 2.02 11.81
C GLY A 41 -3.17 3.12 12.07
N SER A 42 -2.51 3.57 11.00
CA SER A 42 -1.51 4.62 11.12
C SER A 42 -1.44 5.45 9.84
N LEU A 43 -0.54 6.43 9.82
CA LEU A 43 -0.37 7.29 8.66
C LEU A 43 1.02 7.13 8.06
N ALA A 44 1.26 7.80 6.95
CA ALA A 44 2.56 7.74 6.28
C ALA A 44 3.23 9.11 6.26
N CYS A 45 4.39 9.19 5.62
CA CYS A 45 5.13 10.43 5.53
C CYS A 45 6.26 10.33 4.50
N SER A 46 7.07 11.38 4.39
CA SER A 46 8.18 11.41 3.45
C SER A 46 9.41 10.72 4.04
N THR A 47 9.32 9.41 4.22
CA THR A 47 10.43 8.63 4.78
C THR A 47 10.42 7.21 4.24
N CYS A 48 11.32 6.38 4.77
CA CYS A 48 11.42 4.99 4.34
C CYS A 48 10.06 4.30 4.40
N HIS A 49 9.22 4.74 5.33
CA HIS A 49 7.89 4.16 5.48
C HIS A 49 7.01 4.48 4.27
N VAL A 50 7.07 3.61 3.26
CA VAL A 50 6.28 3.80 2.05
C VAL A 50 5.92 2.46 1.42
N ILE A 51 5.07 2.51 0.41
CA ILE A 51 4.64 1.30 -0.28
C ILE A 51 4.59 1.51 -1.79
N ILE A 52 5.50 0.85 -2.50
CA ILE A 52 5.56 0.96 -3.96
C ILE A 52 5.61 -0.42 -4.62
N ASP A 53 5.28 -0.46 -5.90
CA ASP A 53 5.28 -1.71 -6.65
C ASP A 53 6.60 -2.46 -6.45
N PRO A 54 6.60 -3.76 -6.75
CA PRO A 54 7.78 -4.61 -6.61
C PRO A 54 8.85 -4.29 -7.65
N SER A 55 8.45 -3.56 -8.69
CA SER A 55 9.38 -3.18 -9.75
C SER A 55 10.31 -2.06 -9.29
N TRP A 56 9.86 -1.31 -8.29
CA TRP A 56 10.65 -0.20 -7.75
C TRP A 56 11.24 -0.57 -6.39
N TYR A 57 10.64 -1.55 -5.73
CA TYR A 57 11.10 -1.99 -4.42
C TYR A 57 12.57 -2.38 -4.47
N ASP A 58 12.95 -3.14 -5.50
CA ASP A 58 14.33 -3.59 -5.66
C ASP A 58 15.24 -2.42 -6.01
N ILE A 59 14.67 -1.41 -6.65
CA ILE A 59 15.43 -0.22 -7.04
C ILE A 59 15.71 0.67 -5.83
N VAL A 60 14.67 0.96 -5.06
CA VAL A 60 14.82 1.81 -3.88
C VAL A 60 15.67 1.12 -2.81
N GLU A 61 15.70 -0.21 -2.87
CA GLU A 61 16.48 -0.99 -1.91
C GLU A 61 17.96 -0.96 -2.26
N GLN A 62 18.25 -0.89 -3.55
CA GLN A 62 19.63 -0.86 -4.02
C GLN A 62 20.15 0.57 -4.11
N HIS A 63 19.24 1.51 -4.31
CA HIS A 63 19.60 2.92 -4.41
C HIS A 63 19.88 3.51 -3.03
N ASN A 64 19.29 2.90 -2.00
CA ASN A 64 19.48 3.38 -0.64
C ASN A 64 20.20 2.32 0.20
N GLU A 65 21.37 2.68 0.71
CA GLU A 65 22.16 1.77 1.52
C GLU A 65 21.36 1.30 2.75
N ILE A 66 21.70 0.12 3.24
CA ILE A 66 21.01 -0.46 4.40
C ILE A 66 22.00 -0.78 5.52
N SER A 67 21.59 -0.53 6.75
CA SER A 67 22.44 -0.81 7.90
C SER A 67 22.35 -2.27 8.31
N ASP A 68 23.34 -2.73 9.08
CA ASP A 68 23.37 -4.11 9.54
C ASP A 68 22.06 -4.49 10.24
N GLU A 69 21.47 -3.52 10.93
CA GLU A 69 20.22 -3.74 11.64
C GLU A 69 19.02 -3.64 10.70
N GLU A 70 19.13 -2.76 9.72
CA GLU A 70 18.05 -2.56 8.75
C GLU A 70 17.93 -3.77 7.83
N ASN A 71 19.01 -4.09 7.12
CA ASN A 71 19.01 -5.22 6.20
C ASN A 71 18.62 -6.50 6.92
N ASP A 72 18.86 -6.54 8.23
CA ASP A 72 18.52 -7.71 9.04
C ASP A 72 17.05 -7.69 9.45
N MET A 73 16.49 -6.49 9.52
CA MET A 73 15.09 -6.33 9.90
C MET A 73 14.17 -7.15 8.99
N LEU A 74 14.64 -7.38 7.76
CA LEU A 74 13.87 -8.15 6.79
C LEU A 74 13.47 -9.51 7.37
N ASP A 75 14.44 -10.20 7.97
CA ASP A 75 14.19 -11.51 8.55
C ASP A 75 13.05 -11.43 9.57
N LEU A 76 12.86 -10.26 10.15
CA LEU A 76 11.79 -10.06 11.13
C LEU A 76 10.48 -9.70 10.46
N ALA A 77 10.57 -9.10 9.28
CA ALA A 77 9.39 -8.71 8.52
C ALA A 77 8.41 -9.87 8.38
N PHE A 78 7.26 -9.76 9.03
CA PHE A 78 6.25 -10.81 8.98
C PHE A 78 4.89 -10.23 8.58
N GLY A 79 4.30 -10.80 7.53
CA GLY A 79 3.01 -10.32 7.06
C GLY A 79 3.13 -9.31 5.94
N LEU A 80 4.13 -8.45 6.04
CA LEU A 80 4.36 -7.42 5.02
C LEU A 80 4.47 -8.04 3.63
N THR A 81 4.19 -7.24 2.61
CA THR A 81 4.26 -7.71 1.24
C THR A 81 5.68 -7.62 0.69
N ASP A 82 5.90 -8.17 -0.49
CA ASP A 82 7.22 -8.14 -1.13
C ASP A 82 7.42 -6.84 -1.90
N THR A 83 6.42 -5.97 -1.86
CA THR A 83 6.50 -4.69 -2.55
C THR A 83 6.74 -3.54 -1.58
N SER A 84 6.42 -3.78 -0.31
CA SER A 84 6.60 -2.76 0.72
C SER A 84 8.05 -2.76 1.23
N ARG A 85 8.35 -1.80 2.09
CA ARG A 85 9.70 -1.68 2.65
C ARG A 85 9.71 -2.10 4.12
N LEU A 86 10.92 -2.28 4.66
CA LEU A 86 11.07 -2.69 6.05
C LEU A 86 10.27 -1.77 6.98
N GLY A 87 9.80 -2.34 8.08
CA GLY A 87 9.02 -1.56 9.04
C GLY A 87 7.87 -0.83 8.38
N CYS A 88 6.77 -1.56 8.16
CA CYS A 88 5.58 -0.97 7.54
C CYS A 88 4.39 -1.91 7.65
N GLN A 89 3.20 -1.39 7.37
CA GLN A 89 1.98 -2.18 7.44
C GLN A 89 1.24 -2.16 6.10
N ILE A 90 1.99 -1.93 5.03
CA ILE A 90 1.40 -1.88 3.69
C ILE A 90 0.21 -0.93 3.65
N ILE A 91 0.49 0.37 3.78
CA ILE A 91 -0.56 1.37 3.75
C ILE A 91 -0.32 2.39 2.63
N LEU A 92 -1.11 2.29 1.57
CA LEU A 92 -0.97 3.20 0.44
C LEU A 92 -0.92 4.65 0.90
N THR A 93 -0.52 5.53 0.01
CA THR A 93 -0.42 6.95 0.33
C THR A 93 -0.50 7.81 -0.93
N LYS A 94 -0.78 9.10 -0.75
CA LYS A 94 -0.88 10.02 -1.87
C LYS A 94 0.42 10.08 -2.66
N GLU A 95 1.49 9.60 -2.04
CA GLU A 95 2.81 9.60 -2.68
C GLU A 95 2.75 8.89 -4.03
N LEU A 96 1.78 8.00 -4.18
CA LEU A 96 1.61 7.25 -5.43
C LEU A 96 0.54 7.89 -6.30
N ASP A 97 0.24 9.16 -6.05
CA ASP A 97 -0.76 9.89 -6.81
C ASP A 97 -0.38 9.96 -8.28
N GLY A 98 -1.20 9.35 -9.14
CA GLY A 98 -0.93 9.35 -10.56
C GLY A 98 0.07 8.29 -10.96
N LEU A 99 0.60 7.57 -9.97
CA LEU A 99 1.58 6.52 -10.23
C LEU A 99 0.91 5.15 -10.26
N CYS A 100 1.50 4.22 -10.99
CA CYS A 100 0.97 2.87 -11.11
C CYS A 100 1.76 1.90 -10.24
N VAL A 101 1.05 1.15 -9.40
CA VAL A 101 1.68 0.18 -8.51
C VAL A 101 0.81 -1.06 -8.35
N ILE A 102 1.39 -2.11 -7.78
CA ILE A 102 0.68 -3.36 -7.56
C ILE A 102 -0.08 -3.32 -6.24
N LEU A 103 -1.26 -3.95 -6.23
CA LEU A 103 -2.08 -3.99 -5.03
C LEU A 103 -1.37 -4.75 -3.91
N PRO A 104 -1.70 -4.40 -2.65
CA PRO A 104 -1.11 -5.03 -1.47
C PRO A 104 -1.57 -6.47 -1.29
N THR A 105 -2.88 -6.69 -1.43
CA THR A 105 -3.45 -8.02 -1.29
C THR A 105 -4.69 -8.19 -2.16
N GLU A 106 -5.33 -9.35 -2.07
CA GLU A 106 -6.53 -9.63 -2.85
C GLU A 106 -7.55 -8.53 -2.68
N THR A 107 -8.17 -8.12 -3.79
CA THR A 107 -9.18 -7.07 -3.76
C THR A 107 -10.26 -7.37 -2.72
N ARG A 108 -10.74 -6.31 -2.06
CA ARG A 108 -11.77 -6.46 -1.05
C ARG A 108 -12.83 -5.38 -1.18
N ASN A 109 -13.01 -4.88 -2.40
CA ASN A 109 -14.00 -3.84 -2.67
C ASN A 109 -14.54 -3.97 -4.09
N ILE A 110 -15.86 -3.95 -4.21
CA ILE A 110 -16.52 -4.06 -5.51
C ILE A 110 -17.41 -2.86 -5.78
N SER A 111 -18.04 -2.34 -4.72
CA SER A 111 -18.93 -1.19 -4.84
C SER A 111 -18.22 -0.04 -5.56
N PHE A 112 -18.95 0.59 -6.49
CA PHE A 112 -18.40 1.70 -7.25
C PHE A 112 -19.13 3.00 -6.93
N VAL A 113 -19.31 3.26 -5.63
CA VAL A 113 -20.00 4.47 -5.18
C VAL A 113 -19.12 5.27 -4.23
N LYS A 114 -19.30 6.59 -4.24
CA LYS A 114 -18.52 7.47 -3.36
C LYS A 114 -19.32 7.82 -2.11
N ASN A 115 -18.71 7.58 -0.95
CA ASN A 115 -19.35 7.86 0.32
C ASN A 115 -19.13 9.31 0.73
N SER A 116 -19.99 9.82 1.60
CA SER A 116 -19.90 11.20 2.07
C SER A 116 -18.62 11.41 2.89
N MET A 1 -6.85 14.54 -3.42
CA MET A 1 -7.41 13.20 -3.37
C MET A 1 -7.32 12.52 -4.74
N PRO A 2 -6.09 12.18 -5.15
CA PRO A 2 -5.84 11.52 -6.43
C PRO A 2 -6.35 10.08 -6.45
N LEU A 3 -5.95 9.32 -7.47
CA LEU A 3 -6.37 7.94 -7.61
C LEU A 3 -5.17 7.04 -7.89
N ILE A 4 -5.25 5.80 -7.44
CA ILE A 4 -4.17 4.84 -7.65
C ILE A 4 -4.65 3.66 -8.50
N THR A 5 -3.86 3.31 -9.51
CA THR A 5 -4.20 2.20 -10.40
C THR A 5 -3.48 0.92 -9.97
N PHE A 6 -4.22 0.01 -9.36
CA PHE A 6 -3.67 -1.27 -8.91
C PHE A 6 -3.86 -2.35 -9.96
N ILE A 7 -2.75 -2.81 -10.53
CA ILE A 7 -2.80 -3.85 -11.55
C ILE A 7 -2.70 -5.24 -10.93
N SER A 8 -3.45 -6.19 -11.48
CA SER A 8 -3.44 -7.56 -10.97
C SER A 8 -2.58 -8.46 -11.86
N PRO A 9 -2.16 -9.61 -11.31
CA PRO A 9 -1.34 -10.58 -12.02
C PRO A 9 -2.10 -11.28 -13.15
N ASP A 10 -3.42 -11.13 -13.14
CA ASP A 10 -4.27 -11.75 -14.15
C ASP A 10 -4.45 -10.81 -15.34
N GLY A 11 -3.69 -9.72 -15.37
CA GLY A 11 -3.78 -8.76 -16.45
C GLY A 11 -4.83 -7.69 -16.19
N SER A 12 -5.68 -7.92 -15.20
CA SER A 12 -6.72 -6.97 -14.85
C SER A 12 -6.13 -5.71 -14.22
N ARG A 13 -7.00 -4.77 -13.86
CA ARG A 13 -6.56 -3.52 -13.25
C ARG A 13 -7.72 -2.83 -12.54
N LYS A 14 -7.53 -2.51 -11.27
CA LYS A 14 -8.56 -1.85 -10.47
C LYS A 14 -8.21 -0.38 -10.26
N THR A 15 -9.23 0.44 -10.07
CA THR A 15 -9.04 1.87 -9.85
C THR A 15 -10.08 2.43 -8.88
N TYR A 16 -9.61 2.85 -7.71
CA TYR A 16 -10.50 3.40 -6.69
C TYR A 16 -9.78 4.46 -5.86
N GLU A 17 -10.48 5.54 -5.55
CA GLU A 17 -9.91 6.63 -4.75
C GLU A 17 -9.28 6.09 -3.47
N ALA A 18 -7.97 6.25 -3.36
CA ALA A 18 -7.24 5.78 -2.18
C ALA A 18 -6.80 6.95 -1.31
N TYR A 19 -6.35 6.64 -0.09
CA TYR A 19 -5.89 7.67 0.83
C TYR A 19 -4.40 7.54 1.09
N ASP A 20 -3.89 8.39 1.98
CA ASP A 20 -2.47 8.38 2.31
C ASP A 20 -2.20 7.42 3.47
N GLY A 21 -1.44 6.37 3.20
CA GLY A 21 -1.12 5.39 4.24
C GLY A 21 -2.33 4.62 4.70
N GLU A 22 -3.43 4.74 3.95
CA GLU A 22 -4.66 4.03 4.29
C GLU A 22 -4.73 2.68 3.60
N THR A 23 -4.73 1.62 4.41
CA THR A 23 -4.78 0.26 3.87
C THR A 23 -6.15 -0.03 3.24
N LEU A 24 -6.19 -1.05 2.40
CA LEU A 24 -7.43 -1.43 1.73
C LEU A 24 -8.55 -1.66 2.74
N LEU A 25 -8.21 -2.31 3.85
CA LEU A 25 -9.19 -2.59 4.90
C LEU A 25 -9.93 -1.31 5.31
N SER A 26 -9.17 -0.25 5.56
CA SER A 26 -9.76 1.02 5.96
C SER A 26 -10.73 1.54 4.89
N LEU A 27 -10.42 1.24 3.64
CA LEU A 27 -11.26 1.67 2.52
C LEU A 27 -12.70 1.20 2.71
N ALA A 28 -12.87 0.11 3.46
CA ALA A 28 -14.20 -0.43 3.72
C ALA A 28 -15.04 0.54 4.53
N HIS A 29 -14.45 1.11 5.57
CA HIS A 29 -15.15 2.07 6.42
C HIS A 29 -15.38 3.39 5.69
N ARG A 30 -14.38 3.81 4.91
CA ARG A 30 -14.48 5.05 4.16
C ARG A 30 -15.51 4.93 3.03
N ASN A 31 -15.60 3.73 2.46
CA ASN A 31 -16.55 3.48 1.37
C ASN A 31 -17.94 3.21 1.91
N ASN A 32 -18.05 3.09 3.23
CA ASN A 32 -19.33 2.83 3.88
C ASN A 32 -19.89 1.48 3.45
N VAL A 33 -19.00 0.52 3.22
CA VAL A 33 -19.41 -0.82 2.80
C VAL A 33 -19.46 -1.77 3.99
N ASP A 34 -20.33 -2.77 3.90
CA ASP A 34 -20.48 -3.76 4.97
C ASP A 34 -19.33 -4.77 4.94
N LEU A 35 -18.30 -4.51 5.72
CA LEU A 35 -17.15 -5.40 5.79
C LEU A 35 -16.56 -5.44 7.20
N GLU A 36 -15.82 -6.50 7.50
CA GLU A 36 -15.21 -6.66 8.81
C GLU A 36 -13.87 -5.93 8.88
N GLY A 37 -13.67 -5.18 9.97
CA GLY A 37 -12.44 -4.43 10.14
C GLY A 37 -12.64 -3.13 10.89
N ALA A 38 -11.55 -2.40 11.12
CA ALA A 38 -11.62 -1.13 11.82
C ALA A 38 -10.50 -0.19 11.38
N CYS A 39 -10.62 1.07 11.75
CA CYS A 39 -9.63 2.08 11.40
C CYS A 39 -8.85 2.54 12.62
N GLU A 40 -7.69 1.96 12.84
CA GLU A 40 -6.84 2.32 13.98
C GLU A 40 -5.84 3.41 13.60
N GLY A 41 -5.38 3.36 12.35
CA GLY A 41 -4.42 4.34 11.88
C GLY A 41 -5.03 5.34 10.92
N SER A 42 -5.76 6.31 11.46
CA SER A 42 -6.41 7.32 10.63
C SER A 42 -5.47 8.50 10.39
N LEU A 43 -4.54 8.70 11.31
CA LEU A 43 -3.58 9.79 11.19
C LEU A 43 -2.68 9.61 9.97
N ALA A 44 -1.83 8.58 10.01
CA ALA A 44 -0.93 8.30 8.91
C ALA A 44 0.06 9.43 8.70
N CYS A 45 0.51 10.04 9.80
CA CYS A 45 1.46 11.14 9.74
C CYS A 45 2.79 10.66 9.16
N SER A 46 3.32 9.59 9.72
CA SER A 46 4.60 9.04 9.26
C SER A 46 4.59 8.81 7.76
N THR A 47 5.50 9.48 7.07
CA THR A 47 5.60 9.36 5.61
C THR A 47 6.95 8.79 5.20
N CYS A 48 7.59 8.07 6.13
CA CYS A 48 8.89 7.47 5.85
C CYS A 48 8.76 6.29 4.91
N HIS A 49 8.26 5.17 5.43
CA HIS A 49 8.07 3.97 4.62
C HIS A 49 7.12 4.22 3.47
N VAL A 50 7.17 3.35 2.46
CA VAL A 50 6.30 3.48 1.29
C VAL A 50 6.02 2.13 0.66
N ILE A 51 5.08 2.10 -0.27
CA ILE A 51 4.71 0.86 -0.95
C ILE A 51 4.58 1.08 -2.46
N ILE A 52 5.50 0.49 -3.21
CA ILE A 52 5.49 0.60 -4.66
C ILE A 52 5.57 -0.76 -5.33
N ASP A 53 5.19 -0.82 -6.60
CA ASP A 53 5.22 -2.07 -7.36
C ASP A 53 6.56 -2.78 -7.17
N PRO A 54 6.58 -4.09 -7.48
CA PRO A 54 7.79 -4.91 -7.35
C PRO A 54 8.84 -4.55 -8.39
N SER A 55 8.45 -3.72 -9.35
CA SER A 55 9.38 -3.30 -10.41
C SER A 55 10.30 -2.19 -9.93
N TRP A 56 9.86 -1.47 -8.89
CA TRP A 56 10.64 -0.38 -8.32
C TRP A 56 11.23 -0.78 -6.98
N TYR A 57 10.63 -1.77 -6.35
CA TYR A 57 11.09 -2.24 -5.04
C TYR A 57 12.57 -2.62 -5.10
N ASP A 58 12.97 -3.31 -6.17
CA ASP A 58 14.36 -3.73 -6.33
C ASP A 58 15.26 -2.51 -6.50
N ILE A 59 14.70 -1.41 -7.00
CA ILE A 59 15.46 -0.19 -7.21
C ILE A 59 15.63 0.57 -5.90
N VAL A 60 14.52 0.81 -5.20
CA VAL A 60 14.55 1.54 -3.94
C VAL A 60 15.32 0.75 -2.87
N GLU A 61 15.35 -0.57 -3.03
CA GLU A 61 16.05 -1.43 -2.08
C GLU A 61 17.56 -1.36 -2.29
N GLN A 62 17.96 -1.18 -3.54
CA GLN A 62 19.38 -1.10 -3.88
C GLN A 62 19.89 0.34 -3.77
N HIS A 63 18.97 1.29 -3.95
CA HIS A 63 19.33 2.71 -3.88
C HIS A 63 19.43 3.17 -2.43
N ASN A 64 18.72 2.48 -1.54
CA ASN A 64 18.73 2.82 -0.13
C ASN A 64 19.79 2.00 0.62
N GLU A 65 20.81 2.69 1.10
CA GLU A 65 21.89 2.03 1.84
C GLU A 65 21.36 1.38 3.12
N ILE A 66 21.87 0.18 3.43
CA ILE A 66 21.45 -0.53 4.62
C ILE A 66 22.62 -0.75 5.57
N SER A 67 22.42 -0.41 6.83
CA SER A 67 23.46 -0.58 7.85
C SER A 67 23.48 -2.00 8.38
N ASP A 68 24.36 -2.25 9.35
CA ASP A 68 24.47 -3.57 9.95
C ASP A 68 23.15 -3.99 10.60
N GLU A 69 22.47 -3.03 11.20
CA GLU A 69 21.20 -3.30 11.87
C GLU A 69 20.05 -3.32 10.86
N GLU A 70 20.16 -2.48 9.83
CA GLU A 70 19.13 -2.40 8.80
C GLU A 70 19.13 -3.66 7.94
N ASN A 71 20.26 -3.94 7.31
CA ASN A 71 20.39 -5.12 6.44
C ASN A 71 20.04 -6.39 7.22
N ASP A 72 20.21 -6.34 8.53
CA ASP A 72 19.91 -7.49 9.39
C ASP A 72 18.42 -7.56 9.70
N MET A 73 17.79 -6.39 9.80
CA MET A 73 16.36 -6.32 10.10
C MET A 73 15.53 -6.85 8.95
N LEU A 74 16.07 -6.73 7.73
CA LEU A 74 15.38 -7.20 6.54
C LEU A 74 15.16 -8.72 6.60
N ASP A 75 16.04 -9.40 7.32
CA ASP A 75 15.94 -10.85 7.46
C ASP A 75 14.78 -11.24 8.37
N LEU A 76 14.39 -10.31 9.25
CA LEU A 76 13.30 -10.55 10.18
C LEU A 76 11.96 -10.24 9.54
N ALA A 77 11.98 -9.38 8.52
CA ALA A 77 10.76 -8.99 7.81
C ALA A 77 9.98 -10.22 7.36
N PHE A 78 8.85 -10.47 8.01
CA PHE A 78 8.01 -11.61 7.68
C PHE A 78 6.53 -11.22 7.64
N GLY A 79 5.87 -11.50 6.53
CA GLY A 79 4.47 -11.17 6.38
C GLY A 79 4.23 -10.11 5.32
N LEU A 80 5.19 -9.21 5.17
CA LEU A 80 5.07 -8.13 4.18
C LEU A 80 5.16 -8.69 2.77
N THR A 81 4.74 -7.88 1.80
CA THR A 81 4.78 -8.28 0.40
C THR A 81 6.15 -8.05 -0.21
N ASP A 82 6.35 -8.57 -1.42
CA ASP A 82 7.63 -8.43 -2.11
C ASP A 82 7.70 -7.08 -2.82
N THR A 83 6.64 -6.28 -2.69
CA THR A 83 6.60 -4.97 -3.31
C THR A 83 6.82 -3.85 -2.30
N SER A 84 6.58 -4.17 -1.03
CA SER A 84 6.74 -3.20 0.05
C SER A 84 8.12 -3.31 0.68
N ARG A 85 8.52 -2.29 1.42
CA ARG A 85 9.82 -2.27 2.08
C ARG A 85 9.67 -2.47 3.58
N LEU A 86 10.78 -2.80 4.24
CA LEU A 86 10.78 -3.02 5.68
C LEU A 86 10.13 -1.85 6.41
N GLY A 87 9.70 -2.09 7.64
CA GLY A 87 9.08 -1.04 8.42
C GLY A 87 7.80 -0.51 7.78
N CYS A 88 6.81 -1.39 7.64
CA CYS A 88 5.54 -1.01 7.03
C CYS A 88 4.54 -2.16 7.09
N GLN A 89 3.27 -1.84 6.84
CA GLN A 89 2.22 -2.86 6.87
C GLN A 89 1.47 -2.89 5.55
N ILE A 90 2.14 -2.47 4.47
CA ILE A 90 1.52 -2.44 3.15
C ILE A 90 0.31 -1.52 3.12
N ILE A 91 0.56 -0.22 3.28
CA ILE A 91 -0.50 0.77 3.25
C ILE A 91 -0.32 1.76 2.12
N LEU A 92 -1.07 1.56 1.04
CA LEU A 92 -0.99 2.45 -0.12
C LEU A 92 -1.07 3.91 0.30
N THR A 93 -0.62 4.80 -0.58
CA THR A 93 -0.65 6.24 -0.30
C THR A 93 -0.91 7.03 -1.57
N LYS A 94 -1.39 8.26 -1.41
CA LYS A 94 -1.68 9.13 -2.54
C LYS A 94 -0.40 9.54 -3.25
N GLU A 95 0.74 9.27 -2.61
CA GLU A 95 2.04 9.62 -3.18
C GLU A 95 2.19 9.01 -4.57
N LEU A 96 1.44 7.94 -4.84
CA LEU A 96 1.49 7.27 -6.13
C LEU A 96 0.43 7.82 -7.08
N ASP A 97 0.03 9.07 -6.86
CA ASP A 97 -0.98 9.70 -7.69
C ASP A 97 -0.56 9.69 -9.16
N GLY A 98 -1.35 9.01 -9.99
CA GLY A 98 -1.04 8.93 -11.40
C GLY A 98 -0.06 7.82 -11.71
N LEU A 99 0.47 7.19 -10.68
CA LEU A 99 1.43 6.11 -10.85
C LEU A 99 0.74 4.75 -10.83
N CYS A 100 1.27 3.81 -11.60
CA CYS A 100 0.71 2.47 -11.67
C CYS A 100 1.55 1.48 -10.87
N VAL A 101 0.89 0.75 -9.98
CA VAL A 101 1.57 -0.23 -9.13
C VAL A 101 0.74 -1.50 -8.99
N ILE A 102 1.37 -2.55 -8.46
CA ILE A 102 0.68 -3.81 -8.26
C ILE A 102 -0.06 -3.84 -6.93
N LEU A 103 -1.16 -4.60 -6.88
CA LEU A 103 -1.96 -4.70 -5.67
C LEU A 103 -1.15 -5.30 -4.53
N PRO A 104 -1.47 -4.88 -3.29
CA PRO A 104 -0.79 -5.37 -2.09
C PRO A 104 -1.11 -6.83 -1.78
N THR A 105 -2.39 -7.16 -1.81
CA THR A 105 -2.83 -8.52 -1.53
C THR A 105 -4.24 -8.76 -2.05
N GLU A 106 -4.73 -9.99 -1.92
CA GLU A 106 -6.06 -10.35 -2.38
C GLU A 106 -7.12 -9.46 -1.72
N THR A 107 -7.87 -8.75 -2.55
CA THR A 107 -8.93 -7.87 -2.04
C THR A 107 -10.22 -8.06 -2.82
N ARG A 108 -11.34 -7.72 -2.18
CA ARG A 108 -12.65 -7.86 -2.81
C ARG A 108 -13.31 -6.50 -2.98
N ASN A 109 -12.89 -5.53 -2.18
CA ASN A 109 -13.45 -4.18 -2.25
C ASN A 109 -13.40 -3.65 -3.67
N ILE A 110 -14.39 -2.82 -4.01
CA ILE A 110 -14.46 -2.24 -5.35
C ILE A 110 -15.62 -1.24 -5.45
N SER A 111 -15.32 -0.04 -5.92
CA SER A 111 -16.33 0.99 -6.06
C SER A 111 -15.74 2.25 -6.69
N PHE A 112 -16.60 3.09 -7.25
CA PHE A 112 -16.16 4.33 -7.89
C PHE A 112 -16.98 5.52 -7.39
N VAL A 113 -16.95 5.73 -6.09
CA VAL A 113 -17.69 6.83 -5.48
C VAL A 113 -16.82 7.61 -4.48
N LYS A 114 -17.12 8.88 -4.31
CA LYS A 114 -16.36 9.73 -3.39
C LYS A 114 -17.02 9.74 -2.01
N ASN A 115 -17.14 8.57 -1.40
CA ASN A 115 -17.74 8.45 -0.08
C ASN A 115 -17.09 9.41 0.91
N SER A 116 -17.82 9.78 1.95
CA SER A 116 -17.31 10.69 2.96
C SER A 116 -16.02 10.17 3.57
N MET A 1 -5.06 14.02 -1.49
CA MET A 1 -5.78 12.79 -1.82
C MET A 1 -5.74 12.51 -3.30
N PRO A 2 -4.54 12.16 -3.80
CA PRO A 2 -4.33 11.86 -5.23
C PRO A 2 -4.99 10.54 -5.63
N LEU A 3 -4.66 10.07 -6.83
CA LEU A 3 -5.22 8.83 -7.35
C LEU A 3 -4.11 7.83 -7.68
N ILE A 4 -4.34 6.57 -7.35
CA ILE A 4 -3.37 5.52 -7.62
C ILE A 4 -3.92 4.51 -8.62
N THR A 5 -3.09 4.13 -9.59
CA THR A 5 -3.49 3.18 -10.61
C THR A 5 -3.19 1.75 -10.18
N PHE A 6 -4.22 1.01 -9.79
CA PHE A 6 -4.06 -0.36 -9.34
C PHE A 6 -4.24 -1.33 -10.51
N ILE A 7 -3.32 -2.27 -10.64
CA ILE A 7 -3.38 -3.26 -11.71
C ILE A 7 -3.91 -4.59 -11.20
N SER A 8 -5.00 -5.06 -11.82
CA SER A 8 -5.61 -6.33 -11.42
C SER A 8 -4.87 -7.50 -12.05
N PRO A 9 -5.06 -8.70 -11.47
CA PRO A 9 -4.43 -9.93 -11.95
C PRO A 9 -5.00 -10.38 -13.29
N ASP A 10 -6.11 -9.79 -13.68
CA ASP A 10 -6.76 -10.14 -14.95
C ASP A 10 -6.37 -9.14 -16.04
N GLY A 11 -5.22 -8.51 -15.88
CA GLY A 11 -4.75 -7.55 -16.86
C GLY A 11 -5.58 -6.29 -16.87
N SER A 12 -6.45 -6.14 -15.87
CA SER A 12 -7.31 -4.97 -15.76
C SER A 12 -6.70 -3.92 -14.86
N ARG A 13 -7.43 -2.83 -14.65
CA ARG A 13 -6.96 -1.73 -13.80
C ARG A 13 -8.12 -1.10 -13.04
N LYS A 14 -7.85 -0.66 -11.82
CA LYS A 14 -8.87 -0.04 -10.98
C LYS A 14 -8.48 1.40 -10.62
N THR A 15 -9.46 2.29 -10.62
CA THR A 15 -9.23 3.69 -10.30
C THR A 15 -9.87 4.06 -8.97
N TYR A 16 -9.04 4.39 -7.98
CA TYR A 16 -9.53 4.76 -6.66
C TYR A 16 -8.60 5.78 -6.02
N GLU A 17 -9.19 6.86 -5.51
CA GLU A 17 -8.41 7.91 -4.85
C GLU A 17 -7.81 7.42 -3.54
N ALA A 18 -6.48 7.45 -3.47
CA ALA A 18 -5.77 7.00 -2.28
C ALA A 18 -5.35 8.19 -1.41
N TYR A 19 -5.03 7.91 -0.15
CA TYR A 19 -4.60 8.96 0.78
C TYR A 19 -3.15 8.75 1.20
N ASP A 20 -2.66 9.63 2.07
CA ASP A 20 -1.29 9.55 2.55
C ASP A 20 -1.20 8.60 3.74
N GLY A 21 -0.49 7.49 3.54
CA GLY A 21 -0.33 6.52 4.61
C GLY A 21 -1.63 5.80 4.94
N GLU A 22 -2.64 6.00 4.10
CA GLU A 22 -3.94 5.38 4.31
C GLU A 22 -4.04 4.07 3.53
N THR A 23 -4.44 3.00 4.23
CA THR A 23 -4.58 1.69 3.61
C THR A 23 -5.87 1.60 2.81
N LEU A 24 -5.92 0.66 1.86
CA LEU A 24 -7.09 0.47 1.04
C LEU A 24 -8.31 0.10 1.89
N LEU A 25 -8.05 -0.57 3.01
CA LEU A 25 -9.12 -0.98 3.91
C LEU A 25 -9.94 0.22 4.36
N SER A 26 -9.25 1.32 4.69
CA SER A 26 -9.92 2.53 5.14
C SER A 26 -10.69 3.19 3.99
N LEU A 27 -10.25 2.91 2.76
CA LEU A 27 -10.89 3.47 1.58
C LEU A 27 -12.39 3.16 1.57
N ALA A 28 -12.75 2.06 2.21
CA ALA A 28 -14.14 1.65 2.28
C ALA A 28 -15.02 2.76 2.84
N HIS A 29 -14.42 3.63 3.66
CA HIS A 29 -15.13 4.74 4.26
C HIS A 29 -15.75 5.65 3.19
N ARG A 30 -14.89 6.17 2.32
CA ARG A 30 -15.35 7.05 1.25
C ARG A 30 -16.32 6.32 0.32
N ASN A 31 -16.13 5.02 0.18
CA ASN A 31 -16.99 4.21 -0.68
C ASN A 31 -18.30 3.87 0.01
N ASN A 32 -18.33 4.08 1.33
CA ASN A 32 -19.53 3.80 2.12
C ASN A 32 -19.85 2.30 2.09
N VAL A 33 -18.82 1.47 2.05
CA VAL A 33 -19.00 0.03 2.02
C VAL A 33 -18.53 -0.61 3.32
N ASP A 34 -19.15 -1.72 3.68
CA ASP A 34 -18.80 -2.43 4.92
C ASP A 34 -18.20 -3.79 4.60
N LEU A 35 -16.95 -3.99 4.99
CA LEU A 35 -16.25 -5.24 4.75
C LEU A 35 -16.10 -6.04 6.04
N GLU A 36 -15.59 -7.27 5.93
CA GLU A 36 -15.39 -8.13 7.09
C GLU A 36 -14.08 -7.78 7.81
N GLY A 37 -14.15 -7.68 9.13
CA GLY A 37 -12.97 -7.35 9.91
C GLY A 37 -12.70 -5.86 9.95
N ALA A 38 -12.14 -5.40 11.07
CA ALA A 38 -11.82 -3.98 11.24
C ALA A 38 -10.73 -3.78 12.29
N CYS A 39 -9.92 -2.75 12.09
CA CYS A 39 -8.84 -2.45 13.02
C CYS A 39 -9.17 -1.24 13.89
N GLU A 40 -8.63 -1.21 15.10
CA GLU A 40 -8.88 -0.12 16.02
C GLU A 40 -7.62 0.25 16.79
N GLY A 41 -7.49 1.52 17.15
CA GLY A 41 -6.33 1.97 17.88
C GLY A 41 -5.06 1.96 17.04
N SER A 42 -4.38 3.10 16.96
CA SER A 42 -3.16 3.21 16.19
C SER A 42 -2.49 4.56 16.41
N LEU A 43 -1.22 4.65 16.06
CA LEU A 43 -0.46 5.89 16.21
C LEU A 43 0.80 5.88 15.35
N ALA A 44 1.13 7.03 14.78
CA ALA A 44 2.30 7.16 13.93
C ALA A 44 3.36 8.04 14.59
N CYS A 45 4.36 7.40 15.20
CA CYS A 45 5.44 8.12 15.86
C CYS A 45 6.79 7.65 15.36
N SER A 46 6.98 7.68 14.05
CA SER A 46 8.24 7.25 13.45
C SER A 46 8.41 7.86 12.06
N THR A 47 9.54 7.56 11.42
CA THR A 47 9.82 8.07 10.09
C THR A 47 8.73 7.69 9.10
N CYS A 48 8.71 8.37 7.95
CA CYS A 48 7.71 8.10 6.93
C CYS A 48 8.06 6.84 6.14
N HIS A 49 7.05 6.06 5.79
CA HIS A 49 7.25 4.82 5.04
C HIS A 49 6.84 4.99 3.59
N VAL A 50 7.20 4.02 2.76
CA VAL A 50 6.85 4.06 1.34
C VAL A 50 6.37 2.70 0.85
N ILE A 51 5.52 2.71 -0.17
CA ILE A 51 4.98 1.48 -0.74
C ILE A 51 4.87 1.57 -2.25
N ILE A 52 5.69 0.79 -2.94
CA ILE A 52 5.67 0.78 -4.41
C ILE A 52 5.58 -0.64 -4.94
N ASP A 53 5.18 -0.77 -6.20
CA ASP A 53 5.04 -2.08 -6.84
C ASP A 53 6.31 -2.90 -6.66
N PRO A 54 6.19 -4.22 -6.82
CA PRO A 54 7.32 -5.15 -6.69
C PRO A 54 8.33 -5.00 -7.82
N SER A 55 7.96 -4.24 -8.84
CA SER A 55 8.83 -4.03 -9.99
C SER A 55 9.88 -2.95 -9.68
N TRP A 56 9.48 -1.96 -8.90
CA TRP A 56 10.38 -0.87 -8.52
C TRP A 56 11.09 -1.17 -7.22
N TYR A 57 10.50 -2.05 -6.41
CA TYR A 57 11.09 -2.42 -5.13
C TYR A 57 12.53 -2.88 -5.30
N ASP A 58 12.75 -3.78 -6.25
CA ASP A 58 14.09 -4.30 -6.52
C ASP A 58 15.03 -3.17 -6.93
N ILE A 59 14.48 -2.12 -7.53
CA ILE A 59 15.26 -0.98 -7.97
C ILE A 59 15.64 -0.09 -6.80
N VAL A 60 14.64 0.31 -6.01
CA VAL A 60 14.87 1.17 -4.86
C VAL A 60 15.72 0.45 -3.80
N GLU A 61 15.66 -0.88 -3.81
CA GLU A 61 16.43 -1.68 -2.85
C GLU A 61 17.89 -1.73 -3.25
N GLN A 62 18.16 -1.73 -4.56
CA GLN A 62 19.52 -1.79 -5.06
C GLN A 62 20.11 -0.39 -5.20
N HIS A 63 19.24 0.60 -5.38
CA HIS A 63 19.68 1.98 -5.52
C HIS A 63 19.84 2.64 -4.15
N ASN A 64 19.60 1.88 -3.09
CA ASN A 64 19.71 2.38 -1.74
C ASN A 64 20.64 1.49 -0.90
N GLU A 65 21.53 2.12 -0.14
CA GLU A 65 22.47 1.40 0.70
C GLU A 65 21.79 0.94 1.99
N ILE A 66 22.16 -0.25 2.46
CA ILE A 66 21.60 -0.79 3.69
C ILE A 66 22.68 -1.15 4.69
N SER A 67 22.42 -0.89 5.97
CA SER A 67 23.38 -1.17 7.02
C SER A 67 23.18 -2.58 7.57
N ASP A 68 24.05 -2.99 8.49
CA ASP A 68 23.96 -4.30 9.10
C ASP A 68 22.63 -4.49 9.82
N GLU A 69 22.15 -3.41 10.44
CA GLU A 69 20.89 -3.45 11.17
C GLU A 69 19.70 -3.29 10.21
N GLU A 70 19.91 -2.52 9.15
CA GLU A 70 18.86 -2.29 8.16
C GLU A 70 18.58 -3.56 7.36
N ASN A 71 19.63 -4.13 6.80
CA ASN A 71 19.51 -5.35 6.00
C ASN A 71 18.94 -6.49 6.83
N ASP A 72 19.17 -6.44 8.14
CA ASP A 72 18.69 -7.46 9.05
C ASP A 72 17.21 -7.25 9.37
N MET A 73 16.81 -5.99 9.48
CA MET A 73 15.42 -5.65 9.78
C MET A 73 14.47 -6.36 8.81
N LEU A 74 14.90 -6.50 7.56
CA LEU A 74 14.09 -7.16 6.54
C LEU A 74 13.80 -8.61 6.93
N ASP A 75 14.86 -9.36 7.24
CA ASP A 75 14.71 -10.75 7.63
C ASP A 75 13.83 -10.89 8.86
N LEU A 76 13.85 -9.87 9.72
CA LEU A 76 13.05 -9.88 10.93
C LEU A 76 11.70 -9.19 10.70
N ALA A 77 11.39 -8.91 9.45
CA ALA A 77 10.14 -8.27 9.09
C ALA A 77 9.12 -9.29 8.59
N PHE A 78 8.32 -9.81 9.52
CA PHE A 78 7.30 -10.81 9.18
C PHE A 78 5.92 -10.16 9.11
N GLY A 79 5.15 -10.54 8.09
CA GLY A 79 3.82 -9.98 7.93
C GLY A 79 3.75 -8.96 6.80
N LEU A 80 4.88 -8.32 6.52
CA LEU A 80 4.95 -7.32 5.46
C LEU A 80 5.19 -7.96 4.11
N THR A 81 4.83 -7.26 3.04
CA THR A 81 5.02 -7.76 1.69
C THR A 81 6.41 -7.44 1.16
N ASP A 82 6.76 -8.04 0.03
CA ASP A 82 8.07 -7.82 -0.58
C ASP A 82 8.07 -6.54 -1.41
N THR A 83 6.93 -5.87 -1.44
CA THR A 83 6.79 -4.62 -2.20
C THR A 83 6.83 -3.41 -1.27
N SER A 84 6.54 -3.64 0.01
CA SER A 84 6.53 -2.56 0.99
C SER A 84 7.87 -2.49 1.71
N ARG A 85 8.54 -1.34 1.59
CA ARG A 85 9.83 -1.13 2.23
C ARG A 85 9.71 -0.16 3.40
N LEU A 86 10.38 -0.48 4.49
CA LEU A 86 10.35 0.36 5.68
C LEU A 86 8.91 0.56 6.18
N GLY A 87 8.04 -0.37 5.81
CA GLY A 87 6.65 -0.28 6.23
C GLY A 87 6.33 -1.24 7.36
N CYS A 88 5.04 -1.48 7.57
CA CYS A 88 4.60 -2.39 8.63
C CYS A 88 3.24 -3.01 8.29
N GLN A 89 2.33 -2.18 7.79
CA GLN A 89 1.00 -2.65 7.43
C GLN A 89 0.69 -2.32 5.97
N ILE A 90 1.72 -1.96 5.22
CA ILE A 90 1.56 -1.62 3.81
C ILE A 90 0.41 -0.65 3.60
N ILE A 91 0.72 0.64 3.71
CA ILE A 91 -0.30 1.68 3.53
C ILE A 91 0.08 2.63 2.41
N LEU A 92 -0.75 2.67 1.37
CA LEU A 92 -0.50 3.54 0.22
C LEU A 92 -0.21 4.96 0.67
N THR A 93 0.27 5.79 -0.26
CA THR A 93 0.59 7.17 0.04
C THR A 93 0.53 8.04 -1.21
N LYS A 94 0.41 9.34 -1.02
CA LYS A 94 0.34 10.29 -2.14
C LYS A 94 1.60 10.20 -2.98
N GLU A 95 2.66 9.64 -2.40
CA GLU A 95 3.93 9.51 -3.11
C GLU A 95 3.75 8.79 -4.44
N LEU A 96 2.69 8.00 -4.53
CA LEU A 96 2.40 7.25 -5.75
C LEU A 96 1.41 8.00 -6.63
N ASP A 97 1.32 9.32 -6.42
CA ASP A 97 0.42 10.15 -7.19
C ASP A 97 0.77 10.11 -8.68
N GLY A 98 -0.16 9.63 -9.48
CA GLY A 98 0.07 9.54 -10.92
C GLY A 98 0.95 8.36 -11.29
N LEU A 99 1.20 7.50 -10.33
CA LEU A 99 2.05 6.32 -10.56
C LEU A 99 1.21 5.04 -10.47
N CYS A 100 1.63 4.03 -11.22
CA CYS A 100 0.93 2.74 -11.23
C CYS A 100 1.68 1.71 -10.40
N VAL A 101 0.96 1.05 -9.49
CA VAL A 101 1.55 0.04 -8.62
C VAL A 101 0.56 -1.08 -8.33
N ILE A 102 1.05 -2.17 -7.76
CA ILE A 102 0.21 -3.31 -7.42
C ILE A 102 -0.42 -3.13 -6.05
N LEU A 103 -1.66 -3.62 -5.91
CA LEU A 103 -2.39 -3.52 -4.65
C LEU A 103 -1.67 -4.27 -3.54
N PRO A 104 -1.88 -3.84 -2.29
CA PRO A 104 -1.26 -4.47 -1.12
C PRO A 104 -1.83 -5.86 -0.84
N THR A 105 -3.16 -5.96 -0.87
CA THR A 105 -3.83 -7.24 -0.62
C THR A 105 -5.15 -7.32 -1.38
N GLU A 106 -5.32 -8.39 -2.15
CA GLU A 106 -6.52 -8.59 -2.93
C GLU A 106 -7.58 -9.32 -2.10
N THR A 107 -8.50 -8.56 -1.52
CA THR A 107 -9.57 -9.14 -0.70
C THR A 107 -10.88 -8.40 -0.91
N ARG A 108 -11.81 -9.03 -1.63
CA ARG A 108 -13.10 -8.44 -1.91
C ARG A 108 -12.94 -7.04 -2.53
N ASN A 109 -11.97 -6.92 -3.43
CA ASN A 109 -11.71 -5.64 -4.09
C ASN A 109 -11.90 -5.77 -5.59
N ILE A 110 -13.15 -5.88 -6.02
CA ILE A 110 -13.48 -6.00 -7.44
C ILE A 110 -14.07 -4.71 -7.98
N SER A 111 -15.25 -4.35 -7.49
CA SER A 111 -15.93 -3.14 -7.94
C SER A 111 -17.01 -2.73 -6.94
N PHE A 112 -17.48 -1.49 -7.07
CA PHE A 112 -18.52 -0.98 -6.18
C PHE A 112 -19.35 0.09 -6.89
N VAL A 113 -20.60 0.24 -6.45
CA VAL A 113 -21.50 1.22 -7.04
C VAL A 113 -22.04 2.18 -5.98
N LYS A 114 -21.14 2.68 -5.13
CA LYS A 114 -21.53 3.61 -4.07
C LYS A 114 -20.76 4.92 -4.20
N ASN A 115 -21.07 5.86 -3.31
CA ASN A 115 -20.41 7.17 -3.32
C ASN A 115 -20.60 7.86 -4.67
N SER A 116 -21.66 8.65 -4.78
CA SER A 116 -21.95 9.36 -6.01
C SER A 116 -21.42 10.79 -5.96
N MET A 1 -3.80 15.69 -2.16
CA MET A 1 -4.69 14.53 -2.24
C MET A 1 -4.70 13.97 -3.67
N PRO A 2 -3.57 13.37 -4.08
CA PRO A 2 -3.42 12.78 -5.42
C PRO A 2 -4.27 11.52 -5.57
N LEU A 3 -4.03 10.80 -6.67
CA LEU A 3 -4.77 9.57 -6.95
C LEU A 3 -3.80 8.42 -7.26
N ILE A 4 -4.19 7.21 -6.88
CA ILE A 4 -3.38 6.04 -7.13
C ILE A 4 -4.10 5.03 -8.02
N THR A 5 -3.35 4.42 -8.93
CA THR A 5 -3.93 3.43 -9.84
C THR A 5 -3.56 2.01 -9.43
N PHE A 6 -4.57 1.15 -9.30
CA PHE A 6 -4.35 -0.23 -8.91
C PHE A 6 -4.57 -1.17 -10.09
N ILE A 7 -3.69 -2.16 -10.23
CA ILE A 7 -3.78 -3.12 -11.32
C ILE A 7 -4.06 -4.53 -10.79
N SER A 8 -5.12 -5.15 -11.29
CA SER A 8 -5.49 -6.49 -10.86
C SER A 8 -4.88 -7.54 -11.78
N PRO A 9 -4.80 -8.79 -11.28
CA PRO A 9 -4.23 -9.90 -12.04
C PRO A 9 -5.12 -10.32 -13.21
N ASP A 10 -6.32 -9.75 -13.27
CA ASP A 10 -7.27 -10.06 -14.34
C ASP A 10 -7.22 -8.99 -15.42
N GLY A 11 -6.20 -8.15 -15.38
CA GLY A 11 -6.06 -7.10 -16.37
C GLY A 11 -6.91 -5.89 -16.04
N SER A 12 -7.69 -5.98 -14.96
CA SER A 12 -8.56 -4.89 -14.55
C SER A 12 -7.78 -3.83 -13.78
N ARG A 13 -8.38 -2.65 -13.63
CA ARG A 13 -7.74 -1.55 -12.91
C ARG A 13 -8.78 -0.70 -12.20
N LYS A 14 -8.41 -0.18 -11.03
CA LYS A 14 -9.32 0.66 -10.25
C LYS A 14 -8.75 2.07 -10.12
N THR A 15 -9.64 3.02 -9.83
CA THR A 15 -9.23 4.42 -9.68
C THR A 15 -9.97 5.09 -8.52
N TYR A 16 -9.23 5.44 -7.48
CA TYR A 16 -9.82 6.07 -6.31
C TYR A 16 -8.77 6.86 -5.53
N GLU A 17 -9.14 8.04 -5.06
CA GLU A 17 -8.24 8.89 -4.30
C GLU A 17 -7.75 8.18 -3.04
N ALA A 18 -6.44 8.07 -2.90
CA ALA A 18 -5.84 7.43 -1.74
C ALA A 18 -5.39 8.45 -0.71
N TYR A 19 -4.72 7.98 0.34
CA TYR A 19 -4.24 8.85 1.40
C TYR A 19 -2.77 8.58 1.70
N ASP A 20 -2.23 9.30 2.68
CA ASP A 20 -0.84 9.15 3.06
C ASP A 20 -0.70 8.16 4.21
N GLY A 21 -0.03 7.04 3.94
CA GLY A 21 0.16 6.02 4.97
C GLY A 21 -1.15 5.37 5.38
N GLU A 22 -2.22 5.63 4.62
CA GLU A 22 -3.53 5.08 4.92
C GLU A 22 -3.76 3.77 4.15
N THR A 23 -4.06 2.71 4.89
CA THR A 23 -4.30 1.40 4.27
C THR A 23 -5.65 1.37 3.56
N LEU A 24 -5.81 0.42 2.65
CA LEU A 24 -7.05 0.29 1.89
C LEU A 24 -8.23 0.03 2.83
N LEU A 25 -7.93 -0.49 4.02
CA LEU A 25 -8.96 -0.79 5.00
C LEU A 25 -9.86 0.42 5.24
N SER A 26 -9.24 1.55 5.57
CA SER A 26 -9.97 2.78 5.83
C SER A 26 -10.74 3.22 4.58
N LEU A 27 -10.20 2.88 3.42
CA LEU A 27 -10.84 3.24 2.15
C LEU A 27 -12.25 2.67 2.06
N ALA A 28 -12.49 1.59 2.81
CA ALA A 28 -13.79 0.95 2.82
C ALA A 28 -14.89 1.93 3.20
N HIS A 29 -14.50 2.98 3.93
CA HIS A 29 -15.46 3.99 4.37
C HIS A 29 -16.03 4.75 3.18
N ARG A 30 -15.16 5.10 2.23
CA ARG A 30 -15.57 5.84 1.05
C ARG A 30 -16.20 4.90 0.02
N ASN A 31 -15.73 3.65 0.00
CA ASN A 31 -16.24 2.66 -0.94
C ASN A 31 -17.58 2.10 -0.46
N ASN A 32 -17.84 2.24 0.83
CA ASN A 32 -19.08 1.75 1.42
C ASN A 32 -19.17 0.23 1.31
N VAL A 33 -18.02 -0.43 1.42
CA VAL A 33 -17.97 -1.89 1.33
C VAL A 33 -17.97 -2.52 2.71
N ASP A 34 -18.52 -3.73 2.81
CA ASP A 34 -18.58 -4.44 4.07
C ASP A 34 -17.28 -5.18 4.35
N LEU A 35 -16.42 -4.57 5.16
CA LEU A 35 -15.13 -5.17 5.50
C LEU A 35 -14.86 -5.06 7.00
N GLU A 36 -14.06 -5.99 7.52
CA GLU A 36 -13.72 -5.99 8.94
C GLU A 36 -12.35 -5.39 9.18
N GLY A 37 -12.24 -4.57 10.23
CA GLY A 37 -10.96 -3.94 10.54
C GLY A 37 -10.99 -3.25 11.88
N ALA A 38 -9.91 -2.55 12.20
CA ALA A 38 -9.80 -1.83 13.46
C ALA A 38 -8.61 -0.88 13.47
N CYS A 39 -8.84 0.34 13.95
CA CYS A 39 -7.78 1.34 14.01
C CYS A 39 -8.09 2.41 15.05
N GLU A 40 -7.06 2.89 15.73
CA GLU A 40 -7.22 3.90 16.76
C GLU A 40 -5.88 4.53 17.12
N GLY A 41 -5.91 5.82 17.46
CA GLY A 41 -4.68 6.52 17.82
C GLY A 41 -3.73 6.67 16.65
N SER A 42 -2.54 6.09 16.78
CA SER A 42 -1.53 6.17 15.73
C SER A 42 -2.08 5.61 14.42
N LEU A 43 -1.25 5.66 13.37
CA LEU A 43 -1.65 5.17 12.07
C LEU A 43 -0.79 3.97 11.66
N ALA A 44 -1.05 2.83 12.29
CA ALA A 44 -0.31 1.60 11.99
C ALA A 44 1.19 1.82 12.13
N CYS A 45 1.57 2.68 13.08
CA CYS A 45 2.98 2.97 13.32
C CYS A 45 3.65 3.49 12.04
N SER A 46 3.01 4.47 11.40
CA SER A 46 3.54 5.05 10.17
C SER A 46 4.79 5.89 10.46
N THR A 47 5.92 5.46 9.92
CA THR A 47 7.19 6.16 10.12
C THR A 47 7.92 6.35 8.79
N CYS A 48 7.37 7.19 7.92
CA CYS A 48 7.97 7.45 6.63
C CYS A 48 8.13 6.16 5.82
N HIS A 49 7.09 5.32 5.85
CA HIS A 49 7.12 4.05 5.13
C HIS A 49 6.80 4.26 3.65
N VAL A 50 7.19 3.30 2.83
CA VAL A 50 6.96 3.39 1.39
C VAL A 50 6.43 2.06 0.85
N ILE A 51 5.54 2.14 -0.15
CA ILE A 51 4.97 0.95 -0.75
C ILE A 51 4.79 1.13 -2.25
N ILE A 52 5.58 0.39 -3.02
CA ILE A 52 5.52 0.47 -4.48
C ILE A 52 5.41 -0.93 -5.10
N ASP A 53 4.96 -0.98 -6.35
CA ASP A 53 4.82 -2.24 -7.06
C ASP A 53 6.09 -3.08 -6.94
N PRO A 54 5.94 -4.40 -7.16
CA PRO A 54 7.07 -5.34 -7.09
C PRO A 54 8.06 -5.15 -8.23
N SER A 55 7.65 -4.39 -9.24
CA SER A 55 8.51 -4.13 -10.39
C SER A 55 9.55 -3.05 -10.07
N TRP A 56 9.22 -2.18 -9.13
CA TRP A 56 10.11 -1.11 -8.73
C TRP A 56 10.92 -1.50 -7.49
N TYR A 57 10.38 -2.44 -6.72
CA TYR A 57 11.04 -2.91 -5.51
C TYR A 57 12.49 -3.30 -5.79
N ASP A 58 12.69 -4.12 -6.81
CA ASP A 58 14.02 -4.57 -7.18
C ASP A 58 14.90 -3.40 -7.57
N ILE A 59 14.27 -2.32 -8.02
CA ILE A 59 15.00 -1.12 -8.43
C ILE A 59 15.39 -0.28 -7.23
N VAL A 60 14.42 0.02 -6.37
CA VAL A 60 14.68 0.81 -5.17
C VAL A 60 15.59 0.06 -4.20
N GLU A 61 15.57 -1.27 -4.28
CA GLU A 61 16.40 -2.10 -3.41
C GLU A 61 17.85 -2.09 -3.86
N GLN A 62 18.06 -1.96 -5.17
CA GLN A 62 19.40 -1.93 -5.73
C GLN A 62 19.93 -0.51 -5.81
N HIS A 63 19.02 0.46 -5.90
CA HIS A 63 19.40 1.86 -5.97
C HIS A 63 19.78 2.40 -4.60
N ASN A 64 19.22 1.79 -3.56
CA ASN A 64 19.49 2.20 -2.19
C ASN A 64 20.18 1.08 -1.41
N GLU A 65 21.29 1.42 -0.77
CA GLU A 65 22.05 0.45 0.02
C GLU A 65 21.50 0.36 1.44
N ILE A 66 21.64 -0.81 2.05
CA ILE A 66 21.16 -1.03 3.40
C ILE A 66 22.32 -1.20 4.37
N SER A 67 22.28 -0.45 5.48
CA SER A 67 23.33 -0.52 6.48
C SER A 67 23.08 -1.67 7.45
N ASP A 68 23.93 -1.78 8.46
CA ASP A 68 23.80 -2.83 9.47
C ASP A 68 22.44 -2.76 10.16
N GLU A 69 21.95 -1.55 10.38
CA GLU A 69 20.67 -1.35 11.03
C GLU A 69 19.52 -1.49 10.02
N GLU A 70 19.73 -0.98 8.82
CA GLU A 70 18.72 -1.05 7.78
C GLU A 70 18.45 -2.50 7.38
N ASN A 71 19.50 -3.18 6.92
CA ASN A 71 19.39 -4.56 6.50
C ASN A 71 18.81 -5.43 7.62
N ASP A 72 19.03 -5.00 8.86
CA ASP A 72 18.53 -5.74 10.02
C ASP A 72 17.06 -5.43 10.26
N MET A 73 16.63 -4.24 9.82
CA MET A 73 15.24 -3.83 10.00
C MET A 73 14.29 -4.81 9.33
N LEU A 74 14.74 -5.40 8.22
CA LEU A 74 13.93 -6.36 7.49
C LEU A 74 13.98 -7.73 8.15
N ASP A 75 15.04 -7.98 8.89
CA ASP A 75 15.22 -9.26 9.58
C ASP A 75 14.03 -9.54 10.51
N LEU A 76 13.37 -8.48 10.95
CA LEU A 76 12.22 -8.61 11.84
C LEU A 76 10.92 -8.36 11.08
N ALA A 77 11.04 -8.11 9.78
CA ALA A 77 9.87 -7.86 8.94
C ALA A 77 9.12 -9.16 8.65
N PHE A 78 8.15 -9.48 9.49
CA PHE A 78 7.36 -10.70 9.33
C PHE A 78 5.91 -10.36 8.99
N GLY A 79 5.41 -10.96 7.91
CA GLY A 79 4.04 -10.71 7.49
C GLY A 79 3.95 -9.69 6.38
N LEU A 80 4.99 -8.87 6.24
CA LEU A 80 5.02 -7.84 5.21
C LEU A 80 5.19 -8.47 3.83
N THR A 81 4.82 -7.72 2.80
CA THR A 81 4.93 -8.19 1.43
C THR A 81 6.33 -7.94 0.86
N ASP A 82 6.61 -8.51 -0.30
CA ASP A 82 7.90 -8.34 -0.94
C ASP A 82 7.96 -7.03 -1.72
N THR A 83 6.84 -6.33 -1.76
CA THR A 83 6.75 -5.05 -2.48
C THR A 83 6.85 -3.87 -1.51
N SER A 84 6.56 -4.13 -0.25
CA SER A 84 6.61 -3.09 0.77
C SER A 84 8.00 -2.99 1.39
N ARG A 85 8.61 -1.82 1.29
CA ARG A 85 9.95 -1.61 1.84
C ARG A 85 9.89 -0.67 3.05
N LEU A 86 10.66 -1.02 4.08
CA LEU A 86 10.70 -0.20 5.29
C LEU A 86 9.29 0.05 5.82
N GLY A 87 8.39 -0.89 5.57
CA GLY A 87 7.02 -0.75 6.02
C GLY A 87 6.71 -1.63 7.21
N CYS A 88 5.42 -1.79 7.51
CA CYS A 88 5.00 -2.62 8.63
C CYS A 88 3.70 -3.36 8.30
N GLN A 89 2.68 -2.60 7.89
CA GLN A 89 1.39 -3.17 7.56
C GLN A 89 0.99 -2.81 6.12
N ILE A 90 1.99 -2.49 5.31
CA ILE A 90 1.73 -2.12 3.91
C ILE A 90 0.61 -1.10 3.80
N ILE A 91 0.96 0.18 3.91
CA ILE A 91 -0.02 1.26 3.82
C ILE A 91 0.32 2.21 2.69
N LEU A 92 -0.58 2.31 1.71
CA LEU A 92 -0.38 3.19 0.56
C LEU A 92 0.00 4.59 1.02
N THR A 93 0.45 5.41 0.08
CA THR A 93 0.86 6.78 0.39
C THR A 93 0.76 7.67 -0.85
N LYS A 94 0.68 8.98 -0.63
CA LYS A 94 0.59 9.93 -1.73
C LYS A 94 1.87 9.94 -2.56
N GLU A 95 2.91 9.29 -2.03
CA GLU A 95 4.19 9.22 -2.73
C GLU A 95 4.01 8.64 -4.13
N LEU A 96 2.94 7.87 -4.32
CA LEU A 96 2.67 7.26 -5.61
C LEU A 96 1.71 8.12 -6.42
N ASP A 97 1.71 9.42 -6.15
CA ASP A 97 0.84 10.35 -6.86
C ASP A 97 1.10 10.28 -8.36
N GLY A 98 0.09 9.85 -9.11
CA GLY A 98 0.23 9.75 -10.56
C GLY A 98 1.00 8.51 -10.97
N LEU A 99 1.26 7.63 -10.03
CA LEU A 99 2.00 6.40 -10.31
C LEU A 99 1.10 5.18 -10.16
N CYS A 100 1.34 4.17 -11.00
CA CYS A 100 0.55 2.95 -10.96
C CYS A 100 1.32 1.82 -10.28
N VAL A 101 0.66 1.15 -9.34
CA VAL A 101 1.29 0.05 -8.62
C VAL A 101 0.29 -1.08 -8.36
N ILE A 102 0.80 -2.22 -7.93
CA ILE A 102 -0.05 -3.37 -7.64
C ILE A 102 -0.61 -3.31 -6.22
N LEU A 103 -1.81 -3.83 -6.05
CA LEU A 103 -2.47 -3.83 -4.75
C LEU A 103 -1.66 -4.66 -3.74
N PRO A 104 -1.80 -4.30 -2.45
CA PRO A 104 -1.10 -5.00 -1.37
C PRO A 104 -1.63 -6.42 -1.14
N THR A 105 -2.94 -6.54 -1.06
CA THR A 105 -3.57 -7.84 -0.85
C THR A 105 -4.98 -7.88 -1.44
N GLU A 106 -5.44 -9.08 -1.79
CA GLU A 106 -6.77 -9.24 -2.37
C GLU A 106 -7.83 -8.57 -1.50
N THR A 107 -8.34 -7.44 -1.98
CA THR A 107 -9.36 -6.70 -1.24
C THR A 107 -10.10 -5.72 -2.16
N ARG A 108 -11.32 -6.09 -2.55
CA ARG A 108 -12.13 -5.25 -3.42
C ARG A 108 -13.61 -5.41 -3.10
N ASN A 109 -14.43 -4.56 -3.71
CA ASN A 109 -15.88 -4.59 -3.49
C ASN A 109 -16.62 -4.90 -4.78
N ILE A 110 -15.89 -4.84 -5.90
CA ILE A 110 -16.47 -5.12 -7.20
C ILE A 110 -17.74 -4.28 -7.43
N SER A 111 -17.58 -2.96 -7.36
CA SER A 111 -18.71 -2.05 -7.56
C SER A 111 -18.24 -0.61 -7.44
N PHE A 112 -18.26 0.10 -8.57
CA PHE A 112 -17.86 1.51 -8.61
C PHE A 112 -18.86 2.35 -9.36
N VAL A 113 -20.12 1.90 -9.37
CA VAL A 113 -21.18 2.62 -10.07
C VAL A 113 -22.23 3.12 -9.08
N LYS A 114 -22.25 2.53 -7.89
CA LYS A 114 -23.21 2.93 -6.86
C LYS A 114 -22.51 3.14 -5.52
N ASN A 115 -21.42 3.91 -5.54
CA ASN A 115 -20.67 4.19 -4.33
C ASN A 115 -19.96 5.54 -4.43
N SER A 116 -19.33 5.96 -3.33
CA SER A 116 -18.62 7.23 -3.30
C SER A 116 -17.12 7.02 -3.45
N MET A 1 -4.46 13.00 0.35
CA MET A 1 -5.26 11.85 -0.03
C MET A 1 -5.33 11.71 -1.55
N PRO A 2 -4.19 11.38 -2.17
CA PRO A 2 -4.11 11.22 -3.63
C PRO A 2 -4.86 9.98 -4.11
N LEU A 3 -4.64 9.63 -5.38
CA LEU A 3 -5.30 8.47 -5.97
C LEU A 3 -4.27 7.43 -6.40
N ILE A 4 -4.52 6.17 -6.08
CA ILE A 4 -3.62 5.09 -6.44
C ILE A 4 -4.35 4.02 -7.25
N THR A 5 -3.70 3.54 -8.31
CA THR A 5 -4.28 2.52 -9.17
C THR A 5 -3.77 1.13 -8.78
N PHE A 6 -4.70 0.25 -8.39
CA PHE A 6 -4.35 -1.11 -8.01
C PHE A 6 -4.51 -2.07 -9.17
N ILE A 7 -3.56 -3.00 -9.30
CA ILE A 7 -3.60 -3.98 -10.39
C ILE A 7 -3.82 -5.38 -9.84
N SER A 8 -4.67 -6.15 -10.52
CA SER A 8 -4.96 -7.52 -10.10
C SER A 8 -4.18 -8.52 -10.92
N PRO A 9 -4.04 -9.75 -10.40
CA PRO A 9 -3.32 -10.82 -11.07
C PRO A 9 -4.04 -11.33 -12.31
N ASP A 10 -5.35 -11.08 -12.38
CA ASP A 10 -6.15 -11.50 -13.51
C ASP A 10 -5.95 -10.57 -14.70
N GLY A 11 -5.36 -9.41 -14.44
CA GLY A 11 -5.13 -8.45 -15.50
C GLY A 11 -6.05 -7.25 -15.41
N SER A 12 -6.76 -7.13 -14.30
CA SER A 12 -7.68 -6.03 -14.10
C SER A 12 -7.02 -4.89 -13.31
N ARG A 13 -7.72 -3.76 -13.21
CA ARG A 13 -7.19 -2.61 -12.49
C ARG A 13 -8.32 -1.84 -11.81
N LYS A 14 -8.00 -1.23 -10.67
CA LYS A 14 -8.98 -0.46 -9.91
C LYS A 14 -8.45 0.94 -9.61
N THR A 15 -9.38 1.87 -9.35
CA THR A 15 -9.01 3.25 -9.05
C THR A 15 -9.85 3.81 -7.91
N TYR A 16 -9.22 4.07 -6.78
CA TYR A 16 -9.91 4.61 -5.61
C TYR A 16 -9.01 5.57 -4.84
N GLU A 17 -9.55 6.73 -4.49
CA GLU A 17 -8.80 7.74 -3.76
C GLU A 17 -8.41 7.21 -2.37
N ALA A 18 -7.10 7.08 -2.15
CA ALA A 18 -6.59 6.59 -0.87
C ALA A 18 -5.83 7.67 -0.14
N TYR A 19 -5.59 7.45 1.15
CA TYR A 19 -4.86 8.42 1.97
C TYR A 19 -3.35 8.21 1.88
N ASP A 20 -2.61 8.89 2.74
CA ASP A 20 -1.16 8.77 2.75
C ASP A 20 -0.68 8.02 4.00
N GLY A 21 -0.45 6.71 3.83
CA GLY A 21 -0.01 5.91 4.95
C GLY A 21 -1.13 5.14 5.61
N GLU A 22 -2.30 5.16 4.97
CA GLU A 22 -3.47 4.46 5.50
C GLU A 22 -3.75 3.18 4.72
N THR A 23 -4.01 2.10 5.44
CA THR A 23 -4.28 0.81 4.82
C THR A 23 -5.58 0.86 4.01
N LEU A 24 -5.74 -0.10 3.09
CA LEU A 24 -6.94 -0.16 2.26
C LEU A 24 -8.19 -0.34 3.12
N LEU A 25 -7.99 -0.80 4.36
CA LEU A 25 -9.10 -1.02 5.27
C LEU A 25 -9.99 0.23 5.37
N SER A 26 -9.36 1.39 5.23
CA SER A 26 -10.09 2.65 5.31
C SER A 26 -10.93 2.87 4.05
N LEU A 27 -10.41 2.41 2.91
CA LEU A 27 -11.12 2.55 1.64
C LEU A 27 -12.42 1.75 1.64
N ALA A 28 -12.40 0.59 2.29
CA ALA A 28 -13.58 -0.26 2.36
C ALA A 28 -14.73 0.46 3.05
N HIS A 29 -14.41 1.26 4.07
CA HIS A 29 -15.41 2.00 4.81
C HIS A 29 -16.00 3.11 3.95
N ARG A 30 -15.23 3.58 2.98
CA ARG A 30 -15.66 4.65 2.09
C ARG A 30 -16.53 4.09 0.97
N ASN A 31 -16.25 2.86 0.55
CA ASN A 31 -16.99 2.22 -0.53
C ASN A 31 -18.14 1.39 0.04
N ASN A 32 -18.44 1.60 1.33
CA ASN A 32 -19.52 0.87 1.99
C ASN A 32 -19.51 -0.60 1.57
N VAL A 33 -18.32 -1.18 1.48
CA VAL A 33 -18.18 -2.58 1.09
C VAL A 33 -18.05 -3.48 2.31
N ASP A 34 -18.53 -4.71 2.19
CA ASP A 34 -18.47 -5.67 3.29
C ASP A 34 -17.12 -6.40 3.29
N LEU A 35 -16.26 -6.03 4.23
CA LEU A 35 -14.94 -6.65 4.34
C LEU A 35 -14.59 -6.91 5.81
N GLU A 36 -14.11 -8.12 6.09
CA GLU A 36 -13.72 -8.49 7.44
C GLU A 36 -12.54 -7.65 7.92
N GLY A 37 -12.63 -7.17 9.16
CA GLY A 37 -11.56 -6.37 9.72
C GLY A 37 -12.06 -5.08 10.33
N ALA A 38 -11.39 -4.62 11.38
CA ALA A 38 -11.78 -3.38 12.05
C ALA A 38 -10.56 -2.53 12.37
N CYS A 39 -10.63 -1.24 12.01
CA CYS A 39 -9.53 -0.32 12.26
C CYS A 39 -9.61 0.26 13.66
N GLU A 40 -8.45 0.47 14.28
CA GLU A 40 -8.39 1.01 15.63
C GLU A 40 -7.72 2.38 15.63
N GLY A 41 -8.49 3.41 15.93
CA GLY A 41 -7.96 4.76 15.98
C GLY A 41 -7.67 5.30 14.59
N SER A 42 -7.58 6.62 14.48
CA SER A 42 -7.32 7.27 13.20
C SER A 42 -5.82 7.49 13.00
N LEU A 43 -5.24 6.79 12.04
CA LEU A 43 -3.82 6.90 11.74
C LEU A 43 -3.56 8.03 10.74
N ALA A 44 -3.08 9.16 11.25
CA ALA A 44 -2.78 10.31 10.40
C ALA A 44 -1.36 10.80 10.62
N CYS A 45 -0.50 10.60 9.64
CA CYS A 45 0.89 11.02 9.73
C CYS A 45 1.35 11.67 8.44
N SER A 46 2.62 12.03 8.38
CA SER A 46 3.18 12.67 7.19
C SER A 46 4.33 11.84 6.62
N THR A 47 5.35 11.60 7.44
CA THR A 47 6.50 10.83 7.02
C THR A 47 6.44 9.40 7.55
N CYS A 48 6.41 8.43 6.64
CA CYS A 48 6.34 7.03 7.03
C CYS A 48 7.18 6.17 6.09
N HIS A 49 7.09 4.86 6.25
CA HIS A 49 7.84 3.92 5.42
C HIS A 49 7.45 4.07 3.95
N VAL A 50 7.89 3.13 3.12
CA VAL A 50 7.59 3.16 1.70
C VAL A 50 7.02 1.82 1.24
N ILE A 51 6.08 1.88 0.30
CA ILE A 51 5.46 0.67 -0.22
C ILE A 51 5.22 0.78 -1.73
N ILE A 52 5.95 -0.02 -2.49
CA ILE A 52 5.83 -0.01 -3.95
C ILE A 52 5.59 -1.42 -4.49
N ASP A 53 5.09 -1.51 -5.71
CA ASP A 53 4.83 -2.79 -6.35
C ASP A 53 6.07 -3.67 -6.32
N PRO A 54 5.87 -5.00 -6.44
CA PRO A 54 6.96 -5.97 -6.43
C PRO A 54 7.81 -5.90 -7.70
N SER A 55 7.29 -5.21 -8.71
CA SER A 55 7.99 -5.06 -9.98
C SER A 55 9.01 -3.93 -9.91
N TRP A 56 8.75 -2.97 -9.03
CA TRP A 56 9.64 -1.82 -8.87
C TRP A 56 10.57 -2.03 -7.67
N TYR A 57 10.13 -2.83 -6.72
CA TYR A 57 10.93 -3.11 -5.52
C TYR A 57 12.31 -3.61 -5.90
N ASP A 58 12.39 -4.41 -6.97
CA ASP A 58 13.65 -4.96 -7.44
C ASP A 58 14.55 -3.85 -8.01
N ILE A 59 13.92 -2.78 -8.48
CA ILE A 59 14.66 -1.67 -9.05
C ILE A 59 15.21 -0.76 -7.96
N VAL A 60 14.36 -0.37 -7.03
CA VAL A 60 14.76 0.49 -5.92
C VAL A 60 15.76 -0.22 -5.01
N GLU A 61 15.75 -1.55 -5.05
CA GLU A 61 16.64 -2.34 -4.23
C GLU A 61 18.04 -2.40 -4.83
N GLN A 62 18.10 -2.38 -6.17
CA GLN A 62 19.37 -2.43 -6.87
C GLN A 62 19.95 -1.04 -7.05
N HIS A 63 19.08 -0.04 -7.13
CA HIS A 63 19.51 1.34 -7.30
C HIS A 63 19.72 2.01 -5.94
N ASN A 64 19.67 1.22 -4.88
CA ASN A 64 19.85 1.74 -3.53
C ASN A 64 20.65 0.77 -2.67
N GLU A 65 21.43 1.30 -1.74
CA GLU A 65 22.24 0.48 -0.85
C GLU A 65 21.63 0.40 0.54
N ILE A 66 22.01 -0.63 1.29
CA ILE A 66 21.49 -0.83 2.64
C ILE A 66 22.60 -0.68 3.68
N SER A 67 22.34 0.14 4.69
CA SER A 67 23.32 0.37 5.74
C SER A 67 23.20 -0.69 6.83
N ASP A 68 23.99 -0.53 7.89
CA ASP A 68 23.97 -1.47 9.01
C ASP A 68 22.58 -1.57 9.61
N GLU A 69 21.87 -0.44 9.65
CA GLU A 69 20.53 -0.41 10.21
C GLU A 69 19.50 -0.88 9.18
N GLU A 70 19.70 -0.49 7.93
CA GLU A 70 18.80 -0.87 6.85
C GLU A 70 18.83 -2.38 6.62
N ASN A 71 20.00 -2.90 6.31
CA ASN A 71 20.17 -4.33 6.06
C ASN A 71 19.68 -5.15 7.26
N ASP A 72 19.72 -4.53 8.44
CA ASP A 72 19.28 -5.21 9.66
C ASP A 72 17.76 -5.18 9.78
N MET A 73 17.16 -4.03 9.46
CA MET A 73 15.72 -3.87 9.54
C MET A 73 15.02 -4.99 8.77
N LEU A 74 15.59 -5.36 7.62
CA LEU A 74 15.01 -6.41 6.79
C LEU A 74 14.95 -7.73 7.55
N ASP A 75 15.94 -7.96 8.41
CA ASP A 75 15.99 -9.19 9.20
C ASP A 75 14.88 -9.22 10.24
N LEU A 76 14.40 -8.05 10.63
CA LEU A 76 13.33 -7.94 11.61
C LEU A 76 11.97 -7.99 10.94
N ALA A 77 11.93 -7.60 9.66
CA ALA A 77 10.68 -7.60 8.91
C ALA A 77 10.11 -9.01 8.79
N PHE A 78 9.19 -9.34 9.70
CA PHE A 78 8.57 -10.66 9.71
C PHE A 78 7.07 -10.55 9.45
N GLY A 79 6.58 -11.29 8.46
CA GLY A 79 5.17 -11.26 8.13
C GLY A 79 4.85 -10.23 7.05
N LEU A 80 5.73 -9.25 6.89
CA LEU A 80 5.53 -8.21 5.89
C LEU A 80 5.75 -8.76 4.48
N THR A 81 5.23 -8.05 3.49
CA THR A 81 5.37 -8.46 2.10
C THR A 81 6.70 -8.00 1.51
N ASP A 82 7.13 -8.64 0.44
CA ASP A 82 8.39 -8.29 -0.21
C ASP A 82 8.24 -7.00 -1.01
N THR A 83 7.02 -6.49 -1.09
CA THR A 83 6.75 -5.26 -1.84
C THR A 83 6.77 -4.05 -0.90
N SER A 84 6.59 -4.30 0.39
CA SER A 84 6.59 -3.24 1.39
C SER A 84 7.94 -3.14 2.08
N ARG A 85 8.49 -1.93 2.12
CA ARG A 85 9.78 -1.70 2.76
C ARG A 85 9.62 -0.94 4.07
N LEU A 86 10.35 -1.37 5.09
CA LEU A 86 10.28 -0.73 6.40
C LEU A 86 8.83 -0.59 6.87
N GLY A 87 7.98 -1.51 6.42
CA GLY A 87 6.58 -1.48 6.81
C GLY A 87 6.24 -2.52 7.86
N CYS A 88 4.98 -2.53 8.28
CA CYS A 88 4.53 -3.49 9.28
C CYS A 88 3.18 -4.08 8.89
N GLN A 89 2.28 -3.23 8.41
CA GLN A 89 0.96 -3.67 8.00
C GLN A 89 0.68 -3.31 6.54
N ILE A 90 1.75 -3.03 5.80
CA ILE A 90 1.63 -2.67 4.40
C ILE A 90 0.55 -1.61 4.19
N ILE A 91 0.93 -0.35 4.31
CA ILE A 91 0.00 0.75 4.14
C ILE A 91 0.45 1.69 3.03
N LEU A 92 -0.35 1.80 1.98
CA LEU A 92 -0.03 2.67 0.85
C LEU A 92 0.35 4.06 1.32
N THR A 93 0.91 4.86 0.41
CA THR A 93 1.32 6.22 0.74
C THR A 93 1.04 7.18 -0.42
N LYS A 94 1.13 8.47 -0.15
CA LYS A 94 0.89 9.48 -1.17
C LYS A 94 2.03 9.53 -2.18
N GLU A 95 3.17 8.99 -1.79
CA GLU A 95 4.34 8.96 -2.67
C GLU A 95 4.01 8.28 -4.00
N LEU A 96 2.99 7.44 -3.98
CA LEU A 96 2.57 6.73 -5.18
C LEU A 96 1.46 7.49 -5.91
N ASP A 97 1.34 8.78 -5.61
CA ASP A 97 0.32 9.62 -6.23
C ASP A 97 0.48 9.61 -7.75
N GLY A 98 -0.51 9.04 -8.44
CA GLY A 98 -0.46 8.99 -9.89
C GLY A 98 0.35 7.82 -10.40
N LEU A 99 0.73 6.93 -9.49
CA LEU A 99 1.51 5.75 -9.85
C LEU A 99 0.69 4.47 -9.70
N CYS A 100 1.06 3.44 -10.45
CA CYS A 100 0.37 2.16 -10.39
C CYS A 100 1.16 1.15 -9.58
N VAL A 101 0.51 0.55 -8.59
CA VAL A 101 1.16 -0.45 -7.74
C VAL A 101 0.17 -1.53 -7.31
N ILE A 102 0.70 -2.61 -6.74
CA ILE A 102 -0.15 -3.71 -6.27
C ILE A 102 -0.68 -3.44 -4.87
N LEU A 103 -1.97 -3.68 -4.69
CA LEU A 103 -2.60 -3.46 -3.38
C LEU A 103 -2.01 -4.40 -2.33
N PRO A 104 -2.07 -3.97 -1.06
CA PRO A 104 -1.54 -4.75 0.07
C PRO A 104 -2.38 -5.98 0.35
N THR A 105 -3.70 -5.81 0.43
CA THR A 105 -4.61 -6.90 0.69
C THR A 105 -4.94 -7.67 -0.59
N GLU A 106 -5.88 -8.60 -0.49
CA GLU A 106 -6.29 -9.40 -1.64
C GLU A 106 -7.75 -9.17 -1.96
N THR A 107 -8.13 -7.91 -2.11
CA THR A 107 -9.51 -7.56 -2.42
C THR A 107 -9.59 -6.80 -3.75
N ARG A 108 -10.81 -6.68 -4.28
CA ARG A 108 -11.03 -5.97 -5.53
C ARG A 108 -12.24 -5.04 -5.44
N ASN A 109 -12.40 -4.17 -6.43
CA ASN A 109 -13.51 -3.24 -6.46
C ASN A 109 -13.51 -2.43 -7.75
N ILE A 110 -14.61 -1.75 -8.01
CA ILE A 110 -14.75 -0.93 -9.22
C ILE A 110 -16.07 -0.20 -9.25
N SER A 111 -16.02 1.12 -9.43
CA SER A 111 -17.22 1.94 -9.47
C SER A 111 -16.87 3.41 -9.70
N PHE A 112 -17.74 4.11 -10.42
CA PHE A 112 -17.52 5.52 -10.72
C PHE A 112 -18.43 6.40 -9.86
N VAL A 113 -18.69 5.96 -8.63
CA VAL A 113 -19.53 6.70 -7.71
C VAL A 113 -18.75 7.13 -6.46
N LYS A 114 -19.18 8.22 -5.85
CA LYS A 114 -18.53 8.74 -4.64
C LYS A 114 -19.18 8.17 -3.39
N ASN A 115 -19.03 6.87 -3.18
CA ASN A 115 -19.61 6.20 -2.01
C ASN A 115 -19.22 6.93 -0.73
N SER A 116 -20.16 7.04 0.19
CA SER A 116 -19.92 7.70 1.47
C SER A 116 -20.79 7.12 2.57
N MET A 1 -5.31 13.29 -0.60
CA MET A 1 -6.01 12.06 -0.91
C MET A 1 -5.96 11.77 -2.41
N PRO A 2 -4.75 11.44 -2.91
CA PRO A 2 -4.54 11.13 -4.33
C PRO A 2 -5.17 9.81 -4.73
N LEU A 3 -4.83 9.34 -5.93
CA LEU A 3 -5.37 8.08 -6.44
C LEU A 3 -4.25 7.12 -6.82
N ILE A 4 -4.47 5.83 -6.57
CA ILE A 4 -3.47 4.82 -6.90
C ILE A 4 -4.03 3.81 -7.90
N THR A 5 -3.24 3.54 -8.94
CA THR A 5 -3.65 2.60 -9.98
C THR A 5 -3.17 1.19 -9.66
N PHE A 6 -4.09 0.32 -9.26
CA PHE A 6 -3.76 -1.06 -8.93
C PHE A 6 -3.89 -1.96 -10.15
N ILE A 7 -2.83 -2.72 -10.44
CA ILE A 7 -2.83 -3.62 -11.58
C ILE A 7 -3.04 -5.07 -11.13
N SER A 8 -4.09 -5.70 -11.68
CA SER A 8 -4.40 -7.08 -11.33
C SER A 8 -3.54 -8.05 -12.14
N PRO A 9 -3.43 -9.29 -11.65
CA PRO A 9 -2.65 -10.34 -12.31
C PRO A 9 -3.28 -10.81 -13.61
N ASP A 10 -4.54 -10.43 -13.82
CA ASP A 10 -5.26 -10.81 -15.04
C ASP A 10 -5.25 -9.66 -16.05
N GLY A 11 -4.24 -8.80 -15.95
CA GLY A 11 -4.14 -7.68 -16.86
C GLY A 11 -5.21 -6.63 -16.62
N SER A 12 -5.88 -6.74 -15.47
CA SER A 12 -6.93 -5.79 -15.12
C SER A 12 -6.36 -4.59 -14.38
N ARG A 13 -7.21 -3.60 -14.12
CA ARG A 13 -6.78 -2.39 -13.43
C ARG A 13 -7.95 -1.78 -12.64
N LYS A 14 -7.70 -1.50 -11.37
CA LYS A 14 -8.72 -0.91 -10.51
C LYS A 14 -8.36 0.53 -10.13
N THR A 15 -9.38 1.37 -10.00
CA THR A 15 -9.18 2.77 -9.65
C THR A 15 -9.87 3.11 -8.34
N TYR A 16 -9.08 3.42 -7.32
CA TYR A 16 -9.61 3.77 -6.01
C TYR A 16 -8.71 4.77 -5.29
N GLU A 17 -9.33 5.84 -4.77
CA GLU A 17 -8.58 6.87 -4.07
C GLU A 17 -8.02 6.34 -2.75
N ALA A 18 -6.70 6.41 -2.60
CA ALA A 18 -6.05 5.95 -1.39
C ALA A 18 -5.60 7.11 -0.52
N TYR A 19 -5.29 6.82 0.74
CA TYR A 19 -4.85 7.84 1.68
C TYR A 19 -3.40 7.61 2.11
N ASP A 20 -2.92 8.45 3.00
CA ASP A 20 -1.54 8.34 3.50
C ASP A 20 -1.44 7.26 4.57
N GLY A 21 -0.77 6.17 4.23
CA GLY A 21 -0.60 5.07 5.17
C GLY A 21 -1.92 4.38 5.47
N GLU A 22 -2.95 4.68 4.69
CA GLU A 22 -4.26 4.08 4.88
C GLU A 22 -4.42 2.83 4.03
N THR A 23 -4.62 1.69 4.68
CA THR A 23 -4.77 0.42 3.98
C THR A 23 -6.01 0.43 3.10
N LEU A 24 -6.07 -0.50 2.16
CA LEU A 24 -7.20 -0.60 1.25
C LEU A 24 -8.42 -1.19 1.96
N LEU A 25 -8.17 -1.95 3.01
CA LEU A 25 -9.26 -2.56 3.78
C LEU A 25 -10.21 -1.51 4.33
N SER A 26 -9.64 -0.48 4.97
CA SER A 26 -10.44 0.59 5.54
C SER A 26 -11.19 1.36 4.45
N LEU A 27 -10.66 1.32 3.24
CA LEU A 27 -11.27 2.01 2.11
C LEU A 27 -12.74 1.63 1.97
N ALA A 28 -13.05 0.39 2.33
CA ALA A 28 -14.42 -0.11 2.26
C ALA A 28 -15.37 0.76 3.09
N HIS A 29 -14.98 1.01 4.33
CA HIS A 29 -15.79 1.83 5.23
C HIS A 29 -16.15 3.17 4.58
N ARG A 30 -15.19 3.72 3.84
CA ARG A 30 -15.40 5.00 3.16
C ARG A 30 -16.30 4.82 1.93
N ASN A 31 -16.29 3.63 1.37
CA ASN A 31 -17.09 3.33 0.19
C ASN A 31 -18.45 2.77 0.58
N ASN A 32 -18.77 2.87 1.87
CA ASN A 32 -20.05 2.37 2.38
C ASN A 32 -20.27 0.92 1.96
N VAL A 33 -19.18 0.18 1.80
CA VAL A 33 -19.25 -1.21 1.40
C VAL A 33 -18.82 -2.13 2.54
N ASP A 34 -19.35 -3.34 2.55
CA ASP A 34 -19.03 -4.32 3.59
C ASP A 34 -18.02 -5.35 3.07
N LEU A 35 -16.90 -5.48 3.77
CA LEU A 35 -15.87 -6.42 3.38
C LEU A 35 -15.55 -7.39 4.53
N GLU A 36 -14.80 -8.44 4.22
CA GLU A 36 -14.41 -9.42 5.22
C GLU A 36 -13.13 -9.01 5.93
N GLY A 37 -13.26 -8.19 6.96
CA GLY A 37 -12.11 -7.74 7.71
C GLY A 37 -12.31 -6.37 8.31
N ALA A 38 -11.48 -6.03 9.30
CA ALA A 38 -11.57 -4.73 9.96
C ALA A 38 -10.26 -4.36 10.63
N CYS A 39 -9.72 -3.21 10.26
CA CYS A 39 -8.45 -2.75 10.81
C CYS A 39 -8.11 -1.35 10.31
N GLU A 40 -7.19 -0.67 10.99
CA GLU A 40 -6.79 0.67 10.61
C GLU A 40 -5.35 0.95 11.04
N GLY A 41 -4.83 2.11 10.65
CA GLY A 41 -3.47 2.47 11.00
C GLY A 41 -2.80 3.31 9.94
N SER A 42 -1.88 4.18 10.36
CA SER A 42 -1.17 5.05 9.45
C SER A 42 0.21 5.41 9.98
N LEU A 43 1.10 5.81 9.08
CA LEU A 43 2.46 6.17 9.46
C LEU A 43 2.76 7.62 9.12
N ALA A 44 2.28 8.06 7.97
CA ALA A 44 2.49 9.43 7.52
C ALA A 44 3.98 9.72 7.29
N CYS A 45 4.68 8.75 6.73
CA CYS A 45 6.10 8.90 6.46
C CYS A 45 6.37 8.93 4.97
N SER A 46 6.70 10.11 4.45
CA SER A 46 6.98 10.27 3.03
C SER A 46 8.34 10.91 2.82
N THR A 47 9.35 10.37 3.50
CA THR A 47 10.72 10.88 3.38
C THR A 47 11.67 9.81 2.88
N CYS A 48 11.39 8.56 3.24
CA CYS A 48 12.23 7.43 2.82
C CYS A 48 11.43 6.44 1.98
N HIS A 49 12.02 5.28 1.73
CA HIS A 49 11.36 4.26 0.93
C HIS A 49 9.97 3.96 1.47
N VAL A 50 9.07 3.56 0.58
CA VAL A 50 7.69 3.26 0.96
C VAL A 50 7.17 2.04 0.21
N ILE A 51 5.88 1.76 0.36
CA ILE A 51 5.26 0.62 -0.31
C ILE A 51 5.13 0.87 -1.80
N ILE A 52 5.91 0.13 -2.59
CA ILE A 52 5.89 0.27 -4.04
C ILE A 52 5.76 -1.10 -4.72
N ASP A 53 5.35 -1.09 -5.99
CA ASP A 53 5.19 -2.31 -6.75
C ASP A 53 6.42 -3.19 -6.63
N PRO A 54 6.25 -4.49 -6.90
CA PRO A 54 7.35 -5.46 -6.84
C PRO A 54 8.38 -5.26 -7.94
N SER A 55 8.02 -4.45 -8.93
CA SER A 55 8.91 -4.17 -10.06
C SER A 55 9.88 -3.04 -9.72
N TRP A 56 9.46 -2.16 -8.82
CA TRP A 56 10.28 -1.03 -8.41
C TRP A 56 11.14 -1.39 -7.19
N TYR A 57 10.71 -2.42 -6.46
CA TYR A 57 11.43 -2.86 -5.27
C TYR A 57 12.90 -3.09 -5.59
N ASP A 58 13.17 -3.79 -6.69
CA ASP A 58 14.54 -4.07 -7.10
C ASP A 58 15.30 -2.78 -7.40
N ILE A 59 14.57 -1.74 -7.78
CA ILE A 59 15.17 -0.45 -8.08
C ILE A 59 15.46 0.33 -6.82
N VAL A 60 14.46 0.46 -5.96
CA VAL A 60 14.60 1.18 -4.71
C VAL A 60 15.54 0.46 -3.76
N GLU A 61 15.68 -0.85 -3.95
CA GLU A 61 16.54 -1.67 -3.11
C GLU A 61 18.00 -1.53 -3.53
N GLN A 62 18.21 -1.30 -4.82
CA GLN A 62 19.56 -1.14 -5.36
C GLN A 62 20.00 0.31 -5.33
N HIS A 63 19.03 1.23 -5.34
CA HIS A 63 19.31 2.65 -5.31
C HIS A 63 19.27 3.18 -3.89
N ASN A 64 19.17 2.27 -2.92
CA ASN A 64 19.11 2.64 -1.51
C ASN A 64 19.89 1.66 -0.65
N GLU A 65 20.47 2.15 0.43
CA GLU A 65 21.24 1.30 1.34
C GLU A 65 20.56 1.21 2.70
N ILE A 66 20.71 0.06 3.35
CA ILE A 66 20.11 -0.17 4.65
C ILE A 66 21.18 -0.31 5.74
N SER A 67 20.98 0.39 6.85
CA SER A 67 21.93 0.36 7.95
C SER A 67 21.54 -0.71 8.97
N ASP A 68 22.24 -0.74 10.10
CA ASP A 68 21.97 -1.72 11.14
C ASP A 68 20.53 -1.59 11.64
N GLU A 69 20.02 -0.37 11.63
CA GLU A 69 18.65 -0.12 12.09
C GLU A 69 17.64 -0.43 10.98
N GLU A 70 17.98 -0.07 9.76
CA GLU A 70 17.11 -0.30 8.61
C GLU A 70 17.00 -1.80 8.32
N ASN A 71 18.12 -2.44 8.05
CA ASN A 71 18.16 -3.87 7.77
C ASN A 71 17.55 -4.67 8.92
N ASP A 72 17.58 -4.10 10.11
CA ASP A 72 17.04 -4.75 11.28
C ASP A 72 15.53 -4.93 11.17
N MET A 73 14.82 -3.82 10.95
CA MET A 73 13.38 -3.86 10.81
C MET A 73 12.95 -4.88 9.77
N LEU A 74 13.75 -5.02 8.72
CA LEU A 74 13.46 -5.97 7.66
C LEU A 74 13.44 -7.40 8.18
N ASP A 75 14.32 -7.68 9.13
CA ASP A 75 14.40 -9.01 9.73
C ASP A 75 13.22 -9.27 10.66
N LEU A 76 12.67 -8.19 11.22
CA LEU A 76 11.53 -8.29 12.12
C LEU A 76 10.22 -8.17 11.36
N ALA A 77 10.30 -8.23 10.04
CA ALA A 77 9.11 -8.13 9.20
C ALA A 77 8.49 -9.50 8.96
N PHE A 78 7.65 -9.93 9.90
CA PHE A 78 6.98 -11.23 9.79
C PHE A 78 5.65 -11.09 9.08
N GLY A 79 5.52 -11.77 7.93
CA GLY A 79 4.29 -11.72 7.17
C GLY A 79 4.32 -10.65 6.09
N LEU A 80 4.99 -9.53 6.38
CA LEU A 80 5.09 -8.43 5.43
C LEU A 80 5.63 -8.93 4.09
N THR A 81 5.26 -8.22 3.02
CA THR A 81 5.70 -8.59 1.67
C THR A 81 7.08 -8.03 1.38
N ASP A 82 7.70 -8.51 0.31
CA ASP A 82 9.04 -8.05 -0.08
C ASP A 82 8.95 -6.75 -0.88
N THR A 83 7.73 -6.25 -1.06
CA THR A 83 7.51 -5.02 -1.81
C THR A 83 7.20 -3.86 -0.88
N SER A 84 6.77 -4.18 0.34
CA SER A 84 6.44 -3.16 1.33
C SER A 84 7.70 -2.62 1.99
N ARG A 85 7.85 -1.30 2.01
CA ARG A 85 9.00 -0.65 2.60
C ARG A 85 8.58 0.26 3.75
N LEU A 86 9.33 0.23 4.84
CA LEU A 86 9.05 1.05 6.00
C LEU A 86 7.61 0.85 6.47
N GLY A 87 7.07 -0.34 6.19
CA GLY A 87 5.72 -0.65 6.61
C GLY A 87 5.63 -1.92 7.41
N CYS A 88 4.45 -2.21 7.95
CA CYS A 88 4.24 -3.40 8.76
C CYS A 88 3.05 -4.21 8.24
N GLN A 89 2.02 -3.50 7.80
CA GLN A 89 0.81 -4.16 7.29
C GLN A 89 0.54 -3.72 5.85
N ILE A 90 1.59 -3.32 5.15
CA ILE A 90 1.47 -2.88 3.76
C ILE A 90 0.31 -1.90 3.60
N ILE A 91 0.59 -0.63 3.84
CA ILE A 91 -0.43 0.42 3.71
C ILE A 91 -0.01 1.48 2.70
N LEU A 92 -0.78 1.60 1.63
CA LEU A 92 -0.49 2.58 0.58
C LEU A 92 -0.31 3.96 1.18
N THR A 93 0.13 4.91 0.34
CA THR A 93 0.34 6.29 0.79
C THR A 93 0.32 7.25 -0.39
N LYS A 94 0.11 8.53 -0.10
CA LYS A 94 0.08 9.56 -1.13
C LYS A 94 1.36 9.56 -1.95
N GLU A 95 2.42 8.98 -1.38
CA GLU A 95 3.71 8.92 -2.06
C GLU A 95 3.56 8.31 -3.46
N LEU A 96 2.52 7.50 -3.64
CA LEU A 96 2.27 6.86 -4.92
C LEU A 96 1.27 7.67 -5.74
N ASP A 97 1.20 8.96 -5.48
CA ASP A 97 0.29 9.84 -6.19
C ASP A 97 0.67 9.97 -7.66
N GLY A 98 -0.20 9.50 -8.54
CA GLY A 98 0.07 9.55 -9.96
C GLY A 98 0.98 8.44 -10.43
N LEU A 99 1.24 7.48 -9.54
CA LEU A 99 2.10 6.34 -9.86
C LEU A 99 1.29 5.05 -9.91
N CYS A 100 1.76 4.11 -10.72
CA CYS A 100 1.09 2.82 -10.85
C CYS A 100 1.83 1.73 -10.07
N VAL A 101 1.10 1.02 -9.22
CA VAL A 101 1.68 -0.04 -8.40
C VAL A 101 0.73 -1.22 -8.30
N ILE A 102 1.26 -2.35 -7.80
CA ILE A 102 0.46 -3.56 -7.65
C ILE A 102 -0.31 -3.55 -6.33
N LEU A 103 -1.48 -4.17 -6.33
CA LEU A 103 -2.31 -4.23 -5.14
C LEU A 103 -1.60 -4.98 -4.02
N PRO A 104 -1.68 -4.44 -2.79
CA PRO A 104 -1.04 -5.04 -1.62
C PRO A 104 -1.74 -6.33 -1.19
N THR A 105 -3.07 -6.32 -1.19
CA THR A 105 -3.84 -7.49 -0.80
C THR A 105 -4.69 -7.99 -1.96
N GLU A 106 -5.55 -8.96 -1.68
CA GLU A 106 -6.43 -9.53 -2.70
C GLU A 106 -7.88 -9.14 -2.44
N THR A 107 -8.12 -7.84 -2.31
CA THR A 107 -9.47 -7.32 -2.07
C THR A 107 -10.05 -6.70 -3.34
N ARG A 108 -11.05 -7.36 -3.91
CA ARG A 108 -11.70 -6.86 -5.12
C ARG A 108 -13.16 -6.51 -4.85
N ASN A 109 -13.76 -7.19 -3.87
CA ASN A 109 -15.15 -6.94 -3.52
C ASN A 109 -15.34 -5.51 -3.02
N ILE A 110 -15.73 -4.62 -3.93
CA ILE A 110 -15.95 -3.23 -3.58
C ILE A 110 -16.49 -2.45 -4.78
N SER A 111 -17.48 -1.60 -4.53
CA SER A 111 -18.08 -0.79 -5.59
C SER A 111 -19.16 0.13 -5.02
N PHE A 112 -18.92 1.43 -5.09
CA PHE A 112 -19.87 2.42 -4.59
C PHE A 112 -19.40 3.83 -4.86
N VAL A 113 -20.23 4.81 -4.54
CA VAL A 113 -19.90 6.21 -4.75
C VAL A 113 -19.16 6.79 -3.55
N LYS A 114 -18.89 8.09 -3.60
CA LYS A 114 -18.19 8.77 -2.52
C LYS A 114 -18.98 8.65 -1.22
N ASN A 115 -18.47 9.30 -0.17
CA ASN A 115 -19.12 9.26 1.14
C ASN A 115 -19.04 10.62 1.83
N SER A 116 -20.02 10.92 2.67
CA SER A 116 -20.06 12.18 3.39
C SER A 116 -18.79 12.37 4.22
#